data_6FPH
#
_entry.id   6FPH
#
_cell.length_a   70.351
_cell.length_b   53.253
_cell.length_c   135.844
_cell.angle_alpha   90.000
_cell.angle_beta   103.812
_cell.angle_gamma   90.000
#
_symmetry.space_group_name_H-M   'P 1 21 1'
#
loop_
_entity.id
_entity.type
_entity.pdbx_description
1 polymer 'Kynurenine 3-monooxygenase'
2 non-polymer 'FLAVIN-ADENINE DINUCLEOTIDE'
3 non-polymer 'CHLORIDE ION'
4 non-polymer 6-chloranyl-5,7-dimethyl-4-(1~{H}-1,2,3,4-tetrazol-5-ylmethyl)-1,4-benzoxazin-3-one
5 water water
#
_entity_poly.entity_id   1
_entity_poly.type   'polypeptide(L)'
_entity_poly.pdbx_seq_one_letter_code
;TATDNARQVTIIGAGLAGTLVARLLARNGWQVNLFERRPDPRIETGARGRSINLALAERGAHALRLAGLEREVLAEAVMM
RGRMVHVPGTPPNLQPYGRDDSEVIWSINRDRLNRILLDGAEAAGASIHFNLGLDSVDFARQRLTLSNVSGERLEKRFHL
LIGADGCNSAVRQAMASVVDLGEHLETQPHGYKELQITPEASAQFNLEPNALHIWPHGDYMCIALPNLDRSFTVTLFLHH
QSPAAQPASPSFAQLVDGHAARRFFQRQFPDLSPMLDSLEQDFEHHPTGKLATLRLTTWHVGGQAVLLGDAAHPMVPFHG
QGMNCALEDAVALAEHLQSAADNASALAAFTAQRQPDALAIQAMALENYVEMSSKVASPTYLLERELGQIMAQRQPTRFI
PRYSMVTFSRLPYAQAMARGQIQEQLLKFAVANHSDLTSINLDAVEHEVTRCLPPLSHLS
;
_entity_poly.pdbx_strand_id   A,B
#
# COMPACT_ATOMS: atom_id res chain seq x y z
N ARG A 7 -35.52 -17.99 -5.79
CA ARG A 7 -34.18 -17.44 -5.74
C ARG A 7 -33.35 -18.14 -4.67
N GLN A 8 -32.19 -18.64 -5.06
CA GLN A 8 -31.38 -19.52 -4.23
C GLN A 8 -30.12 -18.80 -3.75
N VAL A 9 -29.73 -19.05 -2.51
CA VAL A 9 -28.53 -18.44 -1.95
C VAL A 9 -27.89 -19.42 -0.98
N THR A 10 -26.56 -19.45 -1.00
CA THR A 10 -25.76 -20.23 -0.06
C THR A 10 -24.95 -19.27 0.79
N ILE A 11 -25.07 -19.39 2.11
CA ILE A 11 -24.36 -18.53 3.05
C ILE A 11 -23.34 -19.38 3.79
N ILE A 12 -22.11 -18.88 3.89
CA ILE A 12 -21.05 -19.54 4.64
C ILE A 12 -20.87 -18.76 5.93
N GLY A 13 -21.07 -19.45 7.06
CA GLY A 13 -20.86 -18.84 8.35
C GLY A 13 -22.16 -18.53 9.08
N ALA A 14 -22.52 -19.37 10.05
CA ALA A 14 -23.70 -19.16 10.87
C ALA A 14 -23.33 -18.37 12.14
N GLY A 15 -22.65 -17.26 11.93
CA GLY A 15 -22.32 -16.37 13.03
C GLY A 15 -23.41 -15.37 13.26
N LEU A 16 -23.06 -14.09 13.26
CA LEU A 16 -24.02 -13.04 13.54
C LEU A 16 -24.60 -12.44 12.27
N ALA A 17 -23.77 -11.97 11.35
CA ALA A 17 -24.27 -11.44 10.09
C ALA A 17 -24.91 -12.54 9.24
N GLY A 18 -24.30 -13.72 9.22
CA GLY A 18 -24.78 -14.78 8.35
C GLY A 18 -26.16 -15.29 8.74
N THR A 19 -26.41 -15.44 10.04
N THR A 19 -26.42 -15.41 10.05
CA THR A 19 -27.71 -15.93 10.49
CA THR A 19 -27.69 -15.94 10.49
C THR A 19 -28.80 -14.88 10.27
C THR A 19 -28.81 -14.90 10.40
N LEU A 20 -28.48 -13.61 10.50
CA LEU A 20 -29.49 -12.57 10.32
C LEU A 20 -29.87 -12.43 8.86
N VAL A 21 -28.88 -12.38 7.96
CA VAL A 21 -29.21 -12.25 6.55
C VAL A 21 -29.98 -13.48 6.07
N ALA A 22 -29.66 -14.65 6.63
CA ALA A 22 -30.42 -15.86 6.29
C ALA A 22 -31.89 -15.70 6.65
N ARG A 23 -32.18 -15.14 7.83
CA ARG A 23 -33.57 -14.92 8.24
C ARG A 23 -34.26 -13.92 7.32
N LEU A 24 -33.59 -12.79 7.03
CA LEU A 24 -34.20 -11.75 6.22
C LEU A 24 -34.51 -12.26 4.81
N LEU A 25 -33.61 -13.06 4.25
CA LEU A 25 -33.83 -13.58 2.89
C LEU A 25 -34.87 -14.69 2.90
N ALA A 26 -34.77 -15.62 3.85
CA ALA A 26 -35.68 -16.76 3.88
C ALA A 26 -37.12 -16.31 4.01
N ARG A 27 -37.39 -15.32 4.87
CA ARG A 27 -38.76 -14.87 5.05
C ARG A 27 -39.26 -14.06 3.86
N ASN A 28 -38.35 -13.59 3.00
CA ASN A 28 -38.73 -12.96 1.73
C ASN A 28 -38.80 -13.96 0.58
N GLY A 29 -38.85 -15.25 0.88
CA GLY A 29 -39.08 -16.26 -0.13
C GLY A 29 -37.83 -16.84 -0.77
N TRP A 30 -36.64 -16.45 -0.31
CA TRP A 30 -35.41 -17.05 -0.83
C TRP A 30 -35.25 -18.46 -0.28
N GLN A 31 -34.64 -19.33 -1.08
CA GLN A 31 -34.25 -20.66 -0.65
C GLN A 31 -32.84 -20.56 -0.09
N VAL A 32 -32.71 -20.65 1.23
CA VAL A 32 -31.45 -20.34 1.92
C VAL A 32 -30.85 -21.63 2.47
N ASN A 33 -29.58 -21.86 2.15
CA ASN A 33 -28.79 -22.92 2.74
C ASN A 33 -27.58 -22.28 3.43
N LEU A 34 -27.43 -22.53 4.72
CA LEU A 34 -26.40 -21.92 5.54
C LEU A 34 -25.48 -23.02 6.07
N PHE A 35 -24.17 -22.86 5.84
CA PHE A 35 -23.18 -23.85 6.22
C PHE A 35 -22.27 -23.27 7.30
N GLU A 36 -22.08 -24.03 8.38
CA GLU A 36 -21.31 -23.60 9.55
C GLU A 36 -20.27 -24.65 9.90
N ARG A 37 -19.04 -24.19 10.13
CA ARG A 37 -17.94 -25.10 10.45
C ARG A 37 -18.09 -25.71 11.84
N ARG A 38 -18.52 -24.92 12.82
N ARG A 38 -18.52 -24.92 12.82
CA ARG A 38 -18.65 -25.38 14.18
CA ARG A 38 -18.62 -25.39 14.19
C ARG A 38 -19.84 -26.32 14.32
C ARG A 38 -19.87 -26.26 14.36
N PRO A 39 -19.96 -26.99 15.47
CA PRO A 39 -21.20 -27.72 15.76
C PRO A 39 -22.32 -26.75 16.11
N ASP A 40 -23.54 -27.27 16.07
CA ASP A 40 -24.70 -26.49 16.50
C ASP A 40 -24.59 -26.17 17.98
N PRO A 41 -24.45 -24.90 18.39
CA PRO A 41 -24.35 -24.59 19.82
C PRO A 41 -25.62 -24.87 20.59
N ARG A 42 -26.75 -25.09 19.91
CA ARG A 42 -28.00 -25.40 20.60
C ARG A 42 -28.08 -26.84 21.06
N ILE A 43 -27.23 -27.72 20.53
CA ILE A 43 -27.16 -29.11 20.98
C ILE A 43 -26.30 -29.12 22.24
N GLU A 44 -26.95 -29.18 23.39
CA GLU A 44 -26.24 -29.11 24.67
C GLU A 44 -25.36 -30.34 24.85
N THR A 45 -24.12 -30.11 25.26
CA THR A 45 -23.16 -31.16 25.56
C THR A 45 -22.75 -31.05 27.02
N GLY A 46 -21.86 -31.94 27.44
CA GLY A 46 -21.29 -31.84 28.76
C GLY A 46 -20.18 -30.83 28.89
N ALA A 47 -19.85 -30.13 27.80
CA ALA A 47 -18.75 -29.18 27.80
C ALA A 47 -19.15 -27.87 28.48
N ARG A 48 -18.14 -27.15 28.95
CA ARG A 48 -18.33 -25.85 29.57
C ARG A 48 -18.98 -24.85 28.61
N ARG A 50 -19.27 -21.08 26.80
CA ARG A 50 -18.50 -19.87 26.53
C ARG A 50 -19.17 -18.67 27.21
N SER A 51 -18.35 -17.83 27.85
CA SER A 51 -18.85 -16.69 28.60
C SER A 51 -18.49 -15.36 27.95
N ILE A 52 -18.18 -15.37 26.65
CA ILE A 52 -17.89 -14.11 25.95
C ILE A 52 -19.17 -13.32 25.79
N ASN A 53 -19.08 -12.01 26.02
CA ASN A 53 -20.20 -11.11 25.79
C ASN A 53 -19.71 -9.93 24.96
N LEU A 54 -20.64 -9.08 24.55
CA LEU A 54 -20.28 -7.94 23.71
C LEU A 54 -21.38 -6.89 23.83
N ALA A 55 -21.05 -5.69 23.36
CA ALA A 55 -21.89 -4.51 23.55
C ALA A 55 -22.80 -4.34 22.33
N LEU A 56 -24.10 -4.43 22.56
CA LEU A 56 -25.10 -4.20 21.53
C LEU A 56 -25.56 -2.75 21.60
N ALA A 57 -25.52 -2.05 20.46
CA ALA A 57 -25.89 -0.65 20.40
C ALA A 57 -27.08 -0.48 19.45
N GLU A 58 -27.42 0.78 19.17
CA GLU A 58 -28.65 1.07 18.42
C GLU A 58 -28.60 0.45 17.02
N ARG A 59 -27.44 0.49 16.37
CA ARG A 59 -27.34 -0.05 15.02
C ARG A 59 -27.67 -1.54 15.00
N GLY A 60 -27.06 -2.30 15.92
CA GLY A 60 -27.38 -3.71 16.00
C GLY A 60 -28.78 -3.96 16.50
N ALA A 61 -29.22 -3.19 17.50
CA ALA A 61 -30.57 -3.38 18.05
C ALA A 61 -31.63 -3.11 16.99
N HIS A 62 -31.45 -2.05 16.20
CA HIS A 62 -32.41 -1.74 15.15
C HIS A 62 -32.49 -2.85 14.11
N ALA A 63 -31.33 -3.44 13.76
CA ALA A 63 -31.34 -4.54 12.81
C ALA A 63 -32.13 -5.73 13.35
N LEU A 64 -31.91 -6.08 14.62
CA LEU A 64 -32.71 -7.14 15.24
C LEU A 64 -34.17 -6.74 15.30
N ARG A 65 -34.45 -5.45 15.49
CA ARG A 65 -35.83 -4.96 15.52
C ARG A 65 -36.53 -5.27 14.20
N LEU A 66 -35.93 -4.87 13.08
CA LEU A 66 -36.50 -5.18 11.77
C LEU A 66 -36.73 -6.67 11.61
N ALA A 67 -35.82 -7.49 12.15
CA ALA A 67 -35.94 -8.93 12.03
C ALA A 67 -36.94 -9.52 13.03
N GLY A 68 -37.45 -8.72 13.97
CA GLY A 68 -38.37 -9.22 14.96
C GLY A 68 -37.73 -9.99 16.11
N LEU A 69 -36.44 -9.77 16.37
CA LEU A 69 -35.72 -10.53 17.40
C LEU A 69 -35.21 -9.66 18.55
N GLU A 70 -35.41 -8.35 18.51
CA GLU A 70 -34.82 -7.47 19.52
C GLU A 70 -35.33 -7.81 20.91
N ARG A 71 -36.65 -7.95 21.07
CA ARG A 71 -37.21 -8.20 22.39
C ARG A 71 -36.62 -9.46 23.01
N GLU A 72 -36.51 -10.53 22.22
CA GLU A 72 -35.94 -11.77 22.74
C GLU A 72 -34.49 -11.57 23.16
N VAL A 73 -33.72 -10.85 22.36
CA VAL A 73 -32.32 -10.61 22.69
C VAL A 73 -32.19 -9.74 23.93
N LEU A 74 -32.95 -8.65 23.98
CA LEU A 74 -32.82 -7.71 25.08
C LEU A 74 -33.29 -8.29 26.41
N ALA A 75 -34.18 -9.28 26.38
CA ALA A 75 -34.61 -9.92 27.61
C ALA A 75 -33.46 -10.55 28.37
N GLU A 76 -32.35 -10.83 27.69
CA GLU A 76 -31.19 -11.47 28.30
C GLU A 76 -29.97 -10.54 28.32
N ALA A 77 -30.19 -9.24 28.18
CA ALA A 77 -29.10 -8.26 28.10
C ALA A 77 -29.10 -7.37 29.35
N VAL A 78 -27.91 -7.00 29.80
CA VAL A 78 -27.73 -6.12 30.94
C VAL A 78 -27.52 -4.70 30.43
N MET A 79 -28.32 -3.76 30.95
CA MET A 79 -28.20 -2.37 30.58
C MET A 79 -26.87 -1.80 31.07
N MET A 80 -26.18 -1.06 30.21
CA MET A 80 -24.96 -0.34 30.58
C MET A 80 -25.22 1.14 30.38
N ARG A 81 -25.34 1.87 31.49
CA ARG A 81 -25.73 3.29 31.44
C ARG A 81 -24.57 4.22 31.15
N GLY A 82 -23.33 3.79 31.39
CA GLY A 82 -22.20 4.66 31.20
C GLY A 82 -20.91 3.91 31.43
N ARG A 83 -19.81 4.65 31.37
CA ARG A 83 -18.49 4.11 31.63
C ARG A 83 -18.15 4.26 33.11
N MET A 84 -17.56 3.23 33.68
CA MET A 84 -17.00 3.27 35.03
C MET A 84 -15.49 3.15 34.87
N VAL A 85 -14.79 4.27 34.98
CA VAL A 85 -13.34 4.31 34.79
C VAL A 85 -12.65 4.15 36.12
N HIS A 86 -11.70 3.21 36.19
CA HIS A 86 -11.02 2.86 37.43
C HIS A 86 -9.55 3.28 37.34
N VAL A 87 -9.15 4.16 38.24
CA VAL A 87 -7.74 4.51 38.42
C VAL A 87 -7.44 4.35 39.91
N PRO A 88 -6.35 3.66 40.28
CA PRO A 88 -6.23 3.15 41.66
C PRO A 88 -6.55 4.16 42.76
N GLY A 89 -6.29 5.44 42.54
CA GLY A 89 -6.52 6.43 43.58
C GLY A 89 -7.94 6.94 43.62
N THR A 90 -8.46 7.37 42.48
CA THR A 90 -9.75 8.05 42.42
C THR A 90 -10.90 7.04 42.61
N PRO A 91 -11.95 7.42 43.32
CA PRO A 91 -13.16 6.59 43.33
C PRO A 91 -13.82 6.59 41.96
N PRO A 92 -14.29 5.44 41.48
CA PRO A 92 -14.92 5.41 40.15
C PRO A 92 -16.32 6.01 40.22
N ASN A 93 -16.55 7.03 39.40
CA ASN A 93 -17.87 7.64 39.27
C ASN A 93 -18.38 7.44 37.85
N LEU A 94 -19.65 7.12 37.72
CA LEU A 94 -20.22 6.79 36.42
C LEU A 94 -20.21 8.01 35.51
N GLN A 95 -19.76 7.82 34.28
CA GLN A 95 -19.88 8.82 33.23
C GLN A 95 -21.05 8.41 32.33
N PRO A 96 -22.25 8.95 32.55
CA PRO A 96 -23.41 8.48 31.78
C PRO A 96 -23.16 8.58 30.27
N TYR A 97 -23.73 7.62 29.54
CA TYR A 97 -23.59 7.61 28.09
C TYR A 97 -24.46 8.66 27.41
N GLY A 98 -25.56 9.06 28.05
CA GLY A 98 -26.46 10.01 27.43
C GLY A 98 -27.41 10.64 28.43
N ARG A 99 -28.46 11.25 27.88
CA ARG A 99 -29.39 12.03 28.67
C ARG A 99 -30.16 11.15 29.66
N ASP A 100 -30.61 9.97 29.23
CA ASP A 100 -31.45 9.12 30.04
C ASP A 100 -31.27 7.68 29.60
N ASP A 101 -32.12 6.78 30.11
CA ASP A 101 -31.98 5.35 29.87
C ASP A 101 -32.33 4.95 28.44
N SER A 102 -32.78 5.87 27.60
CA SER A 102 -32.94 5.55 26.18
C SER A 102 -31.59 5.48 25.47
N GLU A 103 -30.58 6.17 26.01
CA GLU A 103 -29.23 6.16 25.44
C GLU A 103 -28.35 5.28 26.32
N VAL A 104 -28.40 3.97 26.05
CA VAL A 104 -27.65 2.98 26.81
C VAL A 104 -27.12 1.92 25.85
N ILE A 105 -26.22 1.10 26.37
CA ILE A 105 -25.66 -0.04 25.65
C ILE A 105 -26.04 -1.30 26.40
N TRP A 106 -26.15 -2.40 25.65
CA TRP A 106 -26.63 -3.66 26.19
C TRP A 106 -25.51 -4.69 26.12
N SER A 107 -25.20 -5.29 27.26
CA SER A 107 -24.23 -6.39 27.32
C SER A 107 -24.99 -7.71 27.14
N ILE A 108 -24.66 -8.45 26.08
CA ILE A 108 -25.36 -9.68 25.74
C ILE A 108 -24.34 -10.79 25.59
N ASN A 109 -24.71 -11.99 26.05
CA ASN A 109 -23.87 -13.17 25.85
C ASN A 109 -23.81 -13.53 24.38
N ARG A 110 -22.60 -13.66 23.84
CA ARG A 110 -22.45 -13.92 22.40
C ARG A 110 -23.12 -15.22 22.01
N ASP A 111 -22.85 -16.30 22.76
CA ASP A 111 -23.45 -17.59 22.43
C ASP A 111 -24.96 -17.52 22.45
N ARG A 112 -25.53 -16.79 23.42
CA ARG A 112 -26.99 -16.71 23.51
C ARG A 112 -27.56 -15.93 22.33
N LEU A 113 -26.92 -14.82 21.96
CA LEU A 113 -27.35 -14.09 20.76
C LEU A 113 -27.31 -14.99 19.53
N ASN A 114 -26.24 -15.77 19.38
CA ASN A 114 -26.11 -16.66 18.22
C ASN A 114 -27.22 -17.70 18.21
N ARG A 115 -27.57 -18.26 19.36
CA ARG A 115 -28.63 -19.26 19.41
C ARG A 115 -29.98 -18.66 19.07
N ILE A 116 -30.25 -17.44 19.54
CA ILE A 116 -31.49 -16.76 19.18
C ILE A 116 -31.54 -16.54 17.67
N LEU A 117 -30.44 -16.09 17.08
CA LEU A 117 -30.41 -15.87 15.65
C LEU A 117 -30.59 -17.18 14.87
N LEU A 118 -29.98 -18.26 15.36
CA LEU A 118 -30.12 -19.56 14.70
C LEU A 118 -31.59 -20.00 14.67
N ASP A 119 -32.27 -19.90 15.81
CA ASP A 119 -33.70 -20.21 15.84
C ASP A 119 -34.46 -19.32 14.88
N GLY A 120 -34.10 -18.03 14.82
CA GLY A 120 -34.80 -17.10 13.95
C GLY A 120 -34.63 -17.42 12.48
N ALA A 121 -33.43 -17.86 12.09
CA ALA A 121 -33.19 -18.22 10.69
C ALA A 121 -33.98 -19.45 10.30
N GLU A 122 -34.04 -20.45 11.18
CA GLU A 122 -34.81 -21.66 10.88
C GLU A 122 -36.31 -21.37 10.91
N ALA A 123 -36.76 -20.52 11.84
CA ALA A 123 -38.18 -20.17 11.88
C ALA A 123 -38.63 -19.53 10.56
N ALA A 124 -37.74 -18.80 9.91
CA ALA A 124 -38.08 -18.16 8.63
C ALA A 124 -37.95 -19.11 7.44
N GLY A 125 -37.39 -20.30 7.63
CA GLY A 125 -37.32 -21.30 6.58
C GLY A 125 -35.93 -21.64 6.09
N ALA A 126 -34.88 -21.05 6.64
CA ALA A 126 -33.53 -21.38 6.20
C ALA A 126 -33.11 -22.75 6.73
N SER A 127 -32.33 -23.46 5.92
CA SER A 127 -31.76 -24.74 6.31
C SER A 127 -30.30 -24.53 6.70
N ILE A 128 -29.93 -24.97 7.91
CA ILE A 128 -28.59 -24.76 8.45
C ILE A 128 -27.89 -26.11 8.57
N HIS A 129 -26.66 -26.17 8.09
CA HIS A 129 -25.86 -27.38 8.07
C HIS A 129 -24.58 -27.12 8.84
N PHE A 130 -24.40 -27.81 9.96
CA PHE A 130 -23.27 -27.59 10.84
C PHE A 130 -22.17 -28.61 10.55
N ASN A 131 -21.02 -28.40 11.19
CA ASN A 131 -19.87 -29.30 11.06
C ASN A 131 -19.39 -29.41 9.62
N LEU A 132 -19.53 -28.33 8.85
CA LEU A 132 -19.09 -28.28 7.46
C LEU A 132 -18.43 -26.94 7.22
N GLY A 133 -17.13 -26.95 6.98
CA GLY A 133 -16.37 -25.74 6.70
C GLY A 133 -16.05 -25.64 5.22
N LEU A 134 -16.20 -24.43 4.67
CA LEU A 134 -15.84 -24.18 3.29
C LEU A 134 -14.33 -24.30 3.11
N ASP A 135 -13.91 -25.11 2.14
CA ASP A 135 -12.51 -25.30 1.80
C ASP A 135 -12.09 -24.54 0.54
N SER A 136 -12.93 -24.53 -0.49
CA SER A 136 -12.57 -23.91 -1.75
C SER A 136 -13.83 -23.64 -2.56
N VAL A 137 -13.69 -22.81 -3.59
CA VAL A 137 -14.79 -22.46 -4.48
C VAL A 137 -14.28 -22.55 -5.92
N ASP A 138 -15.06 -23.18 -6.79
CA ASP A 138 -14.78 -23.21 -8.22
C ASP A 138 -15.80 -22.30 -8.89
N PHE A 139 -15.43 -21.04 -9.08
CA PHE A 139 -16.37 -20.05 -9.61
C PHE A 139 -16.81 -20.40 -11.03
N ALA A 140 -15.88 -20.89 -11.86
CA ALA A 140 -16.22 -21.20 -13.24
C ALA A 140 -17.29 -22.27 -13.33
N ARG A 141 -17.17 -23.33 -12.54
CA ARG A 141 -18.14 -24.41 -12.55
C ARG A 141 -19.26 -24.22 -11.54
N GLN A 142 -19.23 -23.13 -10.77
CA GLN A 142 -20.31 -22.81 -9.84
C GLN A 142 -20.47 -23.92 -8.80
N ARG A 143 -19.35 -24.40 -8.28
CA ARG A 143 -19.34 -25.43 -7.25
C ARG A 143 -18.39 -25.03 -6.14
N LEU A 144 -18.71 -25.48 -4.93
CA LEU A 144 -17.83 -25.27 -3.78
C LEU A 144 -17.60 -26.61 -3.09
N THR A 145 -16.54 -26.64 -2.28
CA THR A 145 -16.16 -27.84 -1.54
C THR A 145 -16.14 -27.53 -0.06
N LEU A 146 -16.82 -28.37 0.72
CA LEU A 146 -16.84 -28.28 2.17
C LEU A 146 -16.21 -29.53 2.75
N SER A 147 -15.80 -29.46 4.01
CA SER A 147 -15.29 -30.65 4.70
C SER A 147 -15.57 -30.53 6.19
N ASN A 148 -15.62 -31.69 6.85
CA ASN A 148 -15.73 -31.76 8.29
C ASN A 148 -14.34 -31.74 8.91
N VAL A 149 -14.29 -31.81 10.25
CA VAL A 149 -13.01 -31.74 10.95
C VAL A 149 -12.11 -32.91 10.56
N SER A 150 -12.70 -34.03 10.15
CA SER A 150 -11.94 -35.23 9.81
C SER A 150 -11.47 -35.25 8.36
N GLY A 151 -11.81 -34.25 7.56
CA GLY A 151 -11.29 -34.12 6.21
C GLY A 151 -12.21 -34.61 5.11
N GLU A 152 -13.26 -35.35 5.44
CA GLU A 152 -14.20 -35.80 4.42
C GLU A 152 -14.77 -34.60 3.66
N ARG A 153 -14.63 -34.61 2.35
CA ARG A 153 -15.03 -33.49 1.51
C ARG A 153 -16.42 -33.72 0.91
N LEU A 154 -17.10 -32.61 0.63
CA LEU A 154 -18.44 -32.63 0.07
C LEU A 154 -18.59 -31.45 -0.87
N GLU A 155 -18.99 -31.72 -2.12
CA GLU A 155 -19.16 -30.68 -3.12
C GLU A 155 -20.62 -30.28 -3.24
N LYS A 156 -20.86 -29.00 -3.47
CA LYS A 156 -22.20 -28.45 -3.65
C LYS A 156 -22.20 -27.47 -4.80
N ARG A 157 -23.25 -27.48 -5.60
CA ARG A 157 -23.50 -26.41 -6.55
C ARG A 157 -24.03 -25.19 -5.81
N PHE A 158 -23.68 -24.00 -6.30
CA PHE A 158 -24.21 -22.77 -5.73
C PHE A 158 -24.58 -21.81 -6.85
N HIS A 159 -25.49 -20.90 -6.53
CA HIS A 159 -25.91 -19.83 -7.44
C HIS A 159 -25.50 -18.45 -6.96
N LEU A 160 -25.70 -18.16 -5.67
CA LEU A 160 -25.20 -16.96 -5.03
C LEU A 160 -24.52 -17.36 -3.73
N LEU A 161 -23.31 -16.86 -3.51
CA LEU A 161 -22.50 -17.23 -2.36
C LEU A 161 -22.29 -15.99 -1.49
N ILE A 162 -22.71 -16.07 -0.22
CA ILE A 162 -22.52 -14.99 0.72
C ILE A 162 -21.46 -15.41 1.72
N GLY A 163 -20.36 -14.66 1.77
CA GLY A 163 -19.32 -14.90 2.75
C GLY A 163 -19.56 -14.14 4.04
N ALA A 164 -20.17 -14.83 5.02
CA ALA A 164 -20.35 -14.30 6.36
C ALA A 164 -19.50 -15.10 7.35
N ASP A 165 -18.29 -15.48 6.92
CA ASP A 165 -17.50 -16.47 7.64
C ASP A 165 -16.30 -15.88 8.38
N GLY A 166 -16.41 -14.62 8.83
CA GLY A 166 -15.50 -14.11 9.84
C GLY A 166 -14.24 -13.45 9.31
N CYS A 167 -13.39 -13.04 10.26
CA CYS A 167 -12.20 -12.27 9.91
CA CYS A 167 -12.18 -12.29 9.94
C CYS A 167 -11.23 -13.08 9.07
N ASN A 168 -11.24 -14.41 9.17
CA ASN A 168 -10.39 -15.27 8.37
C ASN A 168 -11.19 -15.98 7.27
N SER A 169 -12.09 -15.23 6.63
CA SER A 169 -13.04 -15.76 5.67
C SER A 169 -12.39 -16.66 4.63
N ALA A 170 -12.95 -17.87 4.49
CA ALA A 170 -12.56 -18.75 3.40
C ALA A 170 -13.16 -18.29 2.07
N VAL A 171 -14.35 -17.70 2.11
CA VAL A 171 -14.93 -17.13 0.88
C VAL A 171 -14.02 -16.05 0.34
N ARG A 172 -13.58 -15.14 1.21
CA ARG A 172 -12.67 -14.08 0.77
C ARG A 172 -11.40 -14.66 0.15
N GLN A 173 -10.85 -15.71 0.78
CA GLN A 173 -9.66 -16.37 0.25
C GLN A 173 -9.92 -16.90 -1.16
N ALA A 174 -11.07 -17.56 -1.35
CA ALA A 174 -11.41 -18.09 -2.67
C ALA A 174 -11.62 -16.96 -3.68
N MET A 175 -12.23 -15.87 -3.26
CA MET A 175 -12.42 -14.73 -4.16
C MET A 175 -11.08 -14.16 -4.59
N ALA A 176 -10.13 -14.05 -3.66
CA ALA A 176 -8.83 -13.45 -3.95
C ALA A 176 -8.06 -14.20 -5.03
N SER A 177 -8.49 -15.41 -5.39
CA SER A 177 -7.81 -16.17 -6.44
C SER A 177 -8.33 -15.85 -7.83
N VAL A 178 -9.56 -15.36 -7.95
CA VAL A 178 -10.14 -15.04 -9.25
C VAL A 178 -10.20 -13.53 -9.51
N VAL A 179 -10.08 -12.70 -8.48
CA VAL A 179 -10.02 -11.26 -8.65
C VAL A 179 -9.06 -10.69 -7.62
N ASP A 180 -8.41 -9.59 -7.97
CA ASP A 180 -7.57 -8.86 -7.03
C ASP A 180 -8.48 -8.03 -6.13
N LEU A 181 -8.56 -8.40 -4.86
CA LEU A 181 -9.42 -7.69 -3.92
C LEU A 181 -8.77 -6.44 -3.36
N GLY A 182 -7.52 -6.15 -3.73
CA GLY A 182 -6.84 -4.97 -3.23
C GLY A 182 -6.80 -4.92 -1.72
N GLU A 183 -6.29 -5.98 -1.10
CA GLU A 183 -6.26 -6.07 0.35
C GLU A 183 -5.18 -5.20 0.93
N HIS A 184 -5.50 -4.50 2.01
CA HIS A 184 -4.55 -3.69 2.78
C HIS A 184 -4.70 -4.08 4.24
N LEU A 185 -3.76 -4.88 4.74
CA LEU A 185 -3.79 -5.35 6.12
C LEU A 185 -2.94 -4.43 7.00
N GLU A 186 -3.57 -3.83 8.00
CA GLU A 186 -2.88 -2.99 8.99
C GLU A 186 -2.87 -3.78 10.30
N THR A 187 -1.71 -4.34 10.64
CA THR A 187 -1.60 -5.15 11.83
C THR A 187 -1.78 -4.30 13.08
N GLN A 188 -2.33 -4.91 14.13
CA GLN A 188 -2.53 -4.26 15.41
C GLN A 188 -1.58 -4.89 16.44
N PRO A 189 -0.79 -4.08 17.15
CA PRO A 189 0.18 -4.68 18.09
C PRO A 189 -0.47 -5.33 19.31
N HIS A 190 -1.71 -4.98 19.64
CA HIS A 190 -2.35 -5.52 20.84
C HIS A 190 -2.93 -6.91 20.58
N GLY A 191 -2.62 -7.84 21.48
CA GLY A 191 -3.42 -9.03 21.64
C GLY A 191 -4.44 -8.84 22.75
N TYR A 192 -5.26 -9.87 22.98
CA TYR A 192 -6.24 -9.77 24.05
C TYR A 192 -6.43 -11.12 24.72
N LYS A 193 -6.84 -11.07 25.98
CA LYS A 193 -7.04 -12.25 26.80
C LYS A 193 -8.31 -12.06 27.62
N GLU A 194 -9.17 -13.08 27.63
CA GLU A 194 -10.42 -13.03 28.38
C GLU A 194 -10.22 -13.59 29.78
N LEU A 195 -10.72 -12.86 30.78
CA LEU A 195 -10.68 -13.27 32.17
C LEU A 195 -12.07 -13.12 32.76
N GLN A 196 -12.24 -13.59 34.00
CA GLN A 196 -13.56 -13.71 34.62
C GLN A 196 -13.57 -13.14 36.03
N ILE A 197 -14.67 -12.48 36.37
CA ILE A 197 -14.99 -12.09 37.73
C ILE A 197 -16.29 -12.79 38.11
N THR A 198 -16.27 -13.50 39.23
CA THR A 198 -17.42 -14.28 39.67
C THR A 198 -18.51 -13.38 40.24
N PRO A 199 -19.74 -13.89 40.33
CA PRO A 199 -20.80 -13.09 40.99
C PRO A 199 -20.47 -12.75 42.43
N GLU A 200 -19.76 -13.63 43.14
CA GLU A 200 -19.42 -13.35 44.52
C GLU A 200 -18.41 -12.22 44.62
N ALA A 201 -17.39 -12.23 43.75
CA ALA A 201 -16.34 -11.22 43.83
C ALA A 201 -16.85 -9.85 43.39
N SER A 202 -17.66 -9.80 42.33
CA SER A 202 -18.16 -8.51 41.87
C SER A 202 -19.04 -7.87 42.94
N ALA A 203 -19.83 -8.67 43.64
CA ALA A 203 -20.64 -8.14 44.73
C ALA A 203 -19.77 -7.71 45.91
N GLN A 204 -18.76 -8.53 46.24
CA GLN A 204 -17.90 -8.20 47.37
C GLN A 204 -17.21 -6.85 47.17
N PHE A 205 -16.81 -6.54 45.95
CA PHE A 205 -16.12 -5.29 45.64
C PHE A 205 -17.06 -4.23 45.08
N ASN A 206 -18.37 -4.44 45.19
CA ASN A 206 -19.35 -3.41 44.86
C ASN A 206 -19.17 -2.92 43.42
N LEU A 207 -18.92 -3.84 42.51
CA LEU A 207 -18.77 -3.50 41.10
C LEU A 207 -20.15 -3.25 40.51
N GLU A 208 -20.37 -2.03 40.02
CA GLU A 208 -21.67 -1.63 39.48
C GLU A 208 -22.07 -2.54 38.32
N PRO A 209 -23.20 -3.25 38.42
CA PRO A 209 -23.58 -4.15 37.31
C PRO A 209 -24.04 -3.42 36.06
N ASN A 210 -24.67 -2.26 36.17
CA ASN A 210 -25.24 -1.60 34.99
C ASN A 210 -24.29 -0.56 34.40
N ALA A 211 -23.07 -0.98 34.10
CA ALA A 211 -22.08 -0.09 33.52
C ALA A 211 -21.01 -0.91 32.82
N LEU A 212 -20.32 -0.27 31.89
CA LEU A 212 -19.12 -0.82 31.29
C LEU A 212 -17.91 -0.28 32.05
N HIS A 213 -17.04 -1.16 32.48
CA HIS A 213 -15.91 -0.80 33.33
C HIS A 213 -14.62 -0.80 32.52
N ILE A 214 -13.76 0.18 32.80
CA ILE A 214 -12.50 0.34 32.10
C ILE A 214 -11.40 0.57 33.13
N TRP A 215 -10.28 -0.14 32.97
CA TRP A 215 -9.06 0.12 33.73
C TRP A 215 -8.00 0.61 32.75
N PRO A 216 -7.96 1.91 32.44
CA PRO A 216 -6.96 2.40 31.47
C PRO A 216 -5.56 2.32 32.03
N HIS A 217 -4.59 2.21 31.12
CA HIS A 217 -3.19 2.14 31.53
C HIS A 217 -2.24 2.40 30.35
N GLY A 218 -2.58 3.35 29.49
CA GLY A 218 -1.69 3.76 28.43
C GLY A 218 -1.61 2.80 27.26
N ASP A 219 -0.49 2.10 27.12
CA ASP A 219 -0.32 1.16 26.02
C ASP A 219 -1.10 -0.13 26.23
N TYR A 220 -1.73 -0.31 27.39
CA TYR A 220 -2.57 -1.47 27.64
C TYR A 220 -3.71 -1.05 28.54
N MET A 221 -4.69 -1.94 28.69
CA MET A 221 -5.88 -1.60 29.46
C MET A 221 -6.73 -2.86 29.65
N CYS A 222 -7.69 -2.77 30.56
CA CYS A 222 -8.68 -3.80 30.77
C CYS A 222 -10.07 -3.20 30.71
N ILE A 223 -11.03 -4.00 30.22
CA ILE A 223 -12.44 -3.66 30.27
C ILE A 223 -13.19 -4.83 30.89
N ALA A 224 -14.40 -4.55 31.35
CA ALA A 224 -15.27 -5.59 31.90
C ALA A 224 -16.71 -5.30 31.52
N LEU A 225 -17.41 -6.31 31.03
CA LEU A 225 -18.82 -6.20 30.70
C LEU A 225 -19.66 -7.11 31.60
N PRO A 226 -20.81 -6.66 32.06
CA PRO A 226 -21.60 -7.44 33.02
C PRO A 226 -22.39 -8.56 32.37
N ASN A 227 -22.70 -9.57 33.19
CA ASN A 227 -23.58 -10.67 32.81
C ASN A 227 -24.81 -10.67 33.70
N LEU A 228 -25.82 -11.42 33.27
CA LEU A 228 -27.10 -11.45 33.99
C LEU A 228 -26.93 -11.94 35.43
N ASP A 229 -26.00 -12.85 35.67
CA ASP A 229 -25.79 -13.41 37.01
C ASP A 229 -24.80 -12.62 37.84
N ARG A 230 -24.46 -11.40 37.43
CA ARG A 230 -23.58 -10.48 38.12
C ARG A 230 -22.10 -10.84 37.95
N SER A 231 -21.76 -11.92 37.24
CA SER A 231 -20.37 -12.10 36.84
C SER A 231 -20.02 -11.07 35.79
N PHE A 232 -18.71 -10.85 35.60
CA PHE A 232 -18.20 -9.97 34.57
C PHE A 232 -17.19 -10.72 33.72
N THR A 233 -17.19 -10.44 32.42
CA THR A 233 -16.16 -10.92 31.52
C THR A 233 -15.16 -9.79 31.33
N VAL A 234 -13.90 -10.06 31.69
CA VAL A 234 -12.83 -9.07 31.61
C VAL A 234 -12.00 -9.36 30.38
N THR A 235 -11.60 -8.31 29.67
CA THR A 235 -10.70 -8.44 28.53
C THR A 235 -9.47 -7.58 28.78
N LEU A 236 -8.30 -8.22 28.79
CA LEU A 236 -7.03 -7.52 28.83
C LEU A 236 -6.56 -7.26 27.41
N PHE A 237 -6.22 -6.01 27.11
CA PHE A 237 -5.62 -5.63 25.83
C PHE A 237 -4.17 -5.24 26.08
N LEU A 238 -3.24 -5.95 25.44
CA LEU A 238 -1.83 -5.82 25.74
C LEU A 238 -1.00 -6.20 24.52
N HIS A 239 0.12 -5.49 24.34
CA HIS A 239 1.00 -5.74 23.20
C HIS A 239 1.46 -7.20 23.18
N HIS A 240 1.47 -7.79 21.99
CA HIS A 240 2.05 -9.12 21.83
C HIS A 240 3.52 -9.14 22.26
N GLN A 241 4.30 -8.20 21.72
CA GLN A 241 5.74 -8.14 21.96
C GLN A 241 6.12 -6.75 22.44
N SER A 242 7.22 -6.67 23.17
CA SER A 242 7.72 -5.38 23.60
C SER A 242 8.52 -4.73 22.48
N PRO A 243 8.47 -3.40 22.35
CA PRO A 243 9.22 -2.73 21.28
C PRO A 243 10.73 -2.85 21.44
N SER A 249 9.01 -2.91 27.78
CA SER A 249 7.72 -2.60 28.37
C SER A 249 6.84 -3.85 28.44
N PRO A 250 5.75 -3.79 29.22
CA PRO A 250 4.90 -4.97 29.38
C PRO A 250 4.36 -5.49 28.05
N SER A 251 4.30 -6.80 27.92
CA SER A 251 3.75 -7.45 26.74
C SER A 251 3.42 -8.89 27.09
N PHE A 252 2.63 -9.53 26.21
CA PHE A 252 2.27 -10.93 26.43
C PHE A 252 3.50 -11.82 26.43
N ALA A 253 4.54 -11.47 25.67
CA ALA A 253 5.75 -12.28 25.64
C ALA A 253 6.43 -12.35 26.99
N GLN A 254 6.30 -11.29 27.81
CA GLN A 254 6.88 -11.28 29.14
C GLN A 254 6.03 -12.01 30.17
N LEU A 255 4.80 -12.40 29.82
CA LEU A 255 3.92 -13.13 30.72
C LEU A 255 3.91 -14.59 30.29
N VAL A 256 4.95 -15.32 30.74
CA VAL A 256 5.17 -16.67 30.25
C VAL A 256 4.16 -17.65 30.82
N ASP A 257 3.67 -17.40 32.03
CA ASP A 257 2.73 -18.30 32.69
C ASP A 257 1.75 -17.48 33.50
N GLY A 258 0.83 -18.18 34.18
CA GLY A 258 -0.17 -17.51 34.99
C GLY A 258 0.42 -16.78 36.19
N HIS A 259 1.51 -17.30 36.76
CA HIS A 259 2.15 -16.63 37.88
C HIS A 259 2.75 -15.30 37.46
N ALA A 260 3.31 -15.25 36.24
CA ALA A 260 3.78 -13.98 35.70
C ALA A 260 2.62 -13.01 35.51
N ALA A 261 1.48 -13.52 35.02
CA ALA A 261 0.31 -12.67 34.84
C ALA A 261 -0.17 -12.11 36.17
N ARG A 262 -0.16 -12.93 37.23
CA ARG A 262 -0.60 -12.46 38.54
C ARG A 262 0.29 -11.32 39.03
N ARG A 263 1.61 -11.49 38.94
CA ARG A 263 2.51 -10.42 39.34
C ARG A 263 2.28 -9.16 38.51
N PHE A 264 2.03 -9.34 37.21
CA PHE A 264 1.75 -8.20 36.35
C PHE A 264 0.49 -7.47 36.80
N PHE A 265 -0.58 -8.21 37.10
CA PHE A 265 -1.83 -7.58 37.51
C PHE A 265 -1.71 -6.95 38.90
N GLN A 266 -0.98 -7.60 39.81
CA GLN A 266 -0.83 -7.05 41.15
C GLN A 266 -0.08 -5.73 41.15
N ARG A 267 0.80 -5.52 40.17
CA ARG A 267 1.57 -4.28 40.09
C ARG A 267 0.85 -3.21 39.28
N GLN A 268 0.33 -3.57 38.11
CA GLN A 268 -0.24 -2.59 37.20
C GLN A 268 -1.74 -2.39 37.38
N PHE A 269 -2.45 -3.41 37.86
CA PHE A 269 -3.89 -3.33 38.10
C PHE A 269 -4.20 -3.81 39.51
N PRO A 270 -3.63 -3.15 40.53
CA PRO A 270 -3.80 -3.66 41.90
C PRO A 270 -5.25 -3.67 42.36
N ASP A 271 -6.07 -2.74 41.86
CA ASP A 271 -7.48 -2.70 42.27
C ASP A 271 -8.28 -3.84 41.64
N LEU A 272 -7.85 -4.34 40.48
CA LEU A 272 -8.59 -5.36 39.75
C LEU A 272 -8.14 -6.78 40.11
N SER A 273 -6.84 -6.98 40.34
CA SER A 273 -6.31 -8.31 40.62
C SER A 273 -7.10 -9.06 41.69
N PRO A 274 -7.44 -8.48 42.85
CA PRO A 274 -8.15 -9.26 43.87
C PRO A 274 -9.52 -9.75 43.42
N MET A 275 -10.08 -9.20 42.35
CA MET A 275 -11.34 -9.67 41.81
C MET A 275 -11.18 -10.83 40.84
N LEU A 276 -9.96 -11.09 40.36
CA LEU A 276 -9.71 -12.13 39.37
C LEU A 276 -9.19 -13.38 40.10
N ASP A 277 -10.15 -14.16 40.62
CA ASP A 277 -9.79 -15.34 41.40
C ASP A 277 -9.11 -16.40 40.55
N SER A 278 -9.59 -16.61 39.32
CA SER A 278 -9.06 -17.62 38.43
C SER A 278 -8.08 -17.05 37.41
N LEU A 279 -7.38 -15.97 37.76
CA LEU A 279 -6.48 -15.31 36.82
C LEU A 279 -5.46 -16.28 36.25
N GLU A 280 -4.76 -17.01 37.12
CA GLU A 280 -3.70 -17.91 36.65
C GLU A 280 -4.25 -18.94 35.68
N GLN A 281 -5.37 -19.58 36.04
CA GLN A 281 -5.93 -20.62 35.19
C GLN A 281 -6.47 -20.05 33.89
N ASP A 282 -7.26 -18.98 33.98
CA ASP A 282 -7.81 -18.36 32.78
C ASP A 282 -6.70 -17.93 31.83
N PHE A 283 -5.62 -17.38 32.37
CA PHE A 283 -4.55 -16.85 31.52
C PHE A 283 -3.87 -17.96 30.73
N GLU A 284 -3.73 -19.15 31.30
CA GLU A 284 -3.02 -20.25 30.65
C GLU A 284 -3.91 -21.09 29.75
N HIS A 285 -5.21 -21.18 30.04
CA HIS A 285 -6.12 -22.02 29.29
C HIS A 285 -6.88 -21.27 28.20
N HIS A 286 -6.96 -19.94 28.30
CA HIS A 286 -7.62 -19.15 27.27
C HIS A 286 -6.58 -18.62 26.30
N PRO A 287 -6.63 -18.95 25.00
CA PRO A 287 -5.59 -18.49 24.08
C PRO A 287 -5.66 -16.99 23.86
N THR A 288 -4.50 -16.41 23.56
CA THR A 288 -4.41 -14.98 23.28
C THR A 288 -4.93 -14.70 21.87
N GLY A 289 -5.84 -13.73 21.77
CA GLY A 289 -6.42 -13.38 20.49
C GLY A 289 -5.63 -12.30 19.76
N LYS A 290 -5.90 -12.19 18.47
CA LYS A 290 -5.23 -11.24 17.61
C LYS A 290 -6.22 -10.24 17.04
N LEU A 291 -5.74 -9.03 16.77
CA LEU A 291 -6.54 -7.94 16.23
C LEU A 291 -5.89 -7.42 14.98
N ALA A 292 -6.70 -6.85 14.09
CA ALA A 292 -6.19 -6.28 12.86
C ALA A 292 -7.27 -5.45 12.18
N THR A 293 -6.83 -4.55 11.30
CA THR A 293 -7.70 -3.82 10.39
C THR A 293 -7.36 -4.26 8.98
N LEU A 294 -8.36 -4.73 8.24
CA LEU A 294 -8.18 -5.21 6.87
C LEU A 294 -9.18 -4.51 5.96
N ARG A 295 -8.68 -3.81 4.96
CA ARG A 295 -9.50 -3.04 4.03
C ARG A 295 -9.43 -3.67 2.64
N LEU A 296 -10.58 -3.82 2.00
CA LEU A 296 -10.68 -4.40 0.67
C LEU A 296 -11.21 -3.37 -0.31
N THR A 297 -10.64 -3.36 -1.52
CA THR A 297 -11.15 -2.46 -2.56
C THR A 297 -12.46 -2.95 -3.14
N THR A 298 -12.69 -4.26 -3.18
CA THR A 298 -13.95 -4.80 -3.66
C THR A 298 -14.39 -5.96 -2.78
N TRP A 299 -15.70 -6.14 -2.67
CA TRP A 299 -16.30 -7.13 -1.79
C TRP A 299 -17.06 -8.22 -2.53
N HIS A 300 -17.10 -8.18 -3.86
CA HIS A 300 -17.92 -9.12 -4.59
C HIS A 300 -17.22 -9.56 -5.87
N VAL A 301 -17.66 -10.69 -6.40
CA VAL A 301 -17.24 -11.20 -7.70
C VAL A 301 -18.49 -11.30 -8.55
N GLY A 302 -18.63 -10.37 -9.50
CA GLY A 302 -19.82 -10.37 -10.34
C GLY A 302 -21.08 -10.46 -9.52
N GLY A 303 -21.98 -11.37 -9.91
CA GLY A 303 -23.17 -11.64 -9.14
C GLY A 303 -23.11 -12.98 -8.44
N GLN A 304 -21.90 -13.52 -8.29
CA GLN A 304 -21.70 -14.86 -7.75
C GLN A 304 -21.39 -14.88 -6.27
N ALA A 305 -20.65 -13.90 -5.76
CA ALA A 305 -20.18 -13.95 -4.38
C ALA A 305 -20.04 -12.54 -3.81
N VAL A 306 -20.32 -12.42 -2.50
CA VAL A 306 -20.17 -11.15 -1.79
C VAL A 306 -19.78 -11.45 -0.36
N LEU A 307 -19.06 -10.51 0.25
CA LEU A 307 -18.62 -10.58 1.64
C LEU A 307 -19.40 -9.58 2.48
N LEU A 308 -19.55 -9.88 3.77
CA LEU A 308 -20.10 -8.90 4.71
C LEU A 308 -19.60 -9.25 6.10
N GLY A 309 -19.75 -8.28 7.00
CA GLY A 309 -19.29 -8.45 8.37
C GLY A 309 -17.77 -8.47 8.43
N ASP A 310 -17.25 -9.24 9.38
CA ASP A 310 -15.81 -9.37 9.55
C ASP A 310 -15.14 -9.94 8.32
N ALA A 311 -15.87 -10.69 7.49
CA ALA A 311 -15.28 -11.21 6.26
C ALA A 311 -14.90 -10.07 5.33
N ALA A 312 -15.66 -8.98 5.33
CA ALA A 312 -15.42 -7.86 4.44
C ALA A 312 -14.51 -6.80 5.03
N HIS A 313 -14.57 -6.56 6.35
CA HIS A 313 -13.92 -5.40 6.96
C HIS A 313 -13.56 -5.69 8.41
N PRO A 314 -12.57 -6.56 8.63
CA PRO A 314 -12.04 -6.72 10.00
C PRO A 314 -11.62 -5.38 10.58
N MET A 315 -11.97 -5.15 11.84
CA MET A 315 -11.67 -3.87 12.50
C MET A 315 -11.22 -4.15 13.93
N VAL A 316 -10.50 -3.18 14.49
CA VAL A 316 -10.08 -3.28 15.88
C VAL A 316 -11.31 -3.07 16.75
N PRO A 317 -11.38 -3.66 17.94
CA PRO A 317 -12.64 -3.67 18.70
C PRO A 317 -12.84 -2.52 19.67
N PHE A 318 -12.07 -1.44 19.56
CA PHE A 318 -12.06 -0.40 20.59
C PHE A 318 -13.25 0.55 20.49
N HIS A 319 -14.21 0.31 19.60
CA HIS A 319 -15.46 1.04 19.59
C HIS A 319 -16.67 0.13 19.83
N GLY A 320 -16.46 -1.19 19.94
CA GLY A 320 -17.57 -2.11 20.12
C GLY A 320 -18.63 -1.97 19.05
N GLN A 321 -18.21 -1.96 17.79
CA GLN A 321 -19.13 -1.76 16.68
C GLN A 321 -19.03 -2.82 15.59
N GLY A 322 -18.15 -3.81 15.73
CA GLY A 322 -18.00 -4.82 14.69
C GLY A 322 -19.27 -5.63 14.47
N MET A 323 -19.86 -6.13 15.56
N MET A 323 -19.84 -6.14 15.56
CA MET A 323 -21.12 -6.84 15.44
CA MET A 323 -21.12 -6.84 15.49
C MET A 323 -22.25 -5.91 15.01
C MET A 323 -22.21 -5.90 14.99
N ASN A 324 -22.30 -4.71 15.59
CA ASN A 324 -23.32 -3.75 15.19
C ASN A 324 -23.21 -3.44 13.71
N CYS A 325 -21.98 -3.24 13.21
CA CYS A 325 -21.78 -3.01 11.78
C CYS A 325 -22.16 -4.23 10.97
N ALA A 326 -21.81 -5.42 11.45
CA ALA A 326 -22.12 -6.64 10.71
C ALA A 326 -23.63 -6.83 10.55
N LEU A 327 -24.39 -6.58 11.62
CA LEU A 327 -25.84 -6.70 11.52
C LEU A 327 -26.41 -5.62 10.60
N GLU A 328 -25.82 -4.43 10.63
CA GLU A 328 -26.21 -3.38 9.69
C GLU A 328 -25.96 -3.83 8.25
N ASP A 329 -24.79 -4.43 7.99
CA ASP A 329 -24.52 -4.99 6.67
C ASP A 329 -25.62 -5.97 6.26
N ALA A 330 -26.02 -6.86 7.17
CA ALA A 330 -26.97 -7.90 6.83
C ALA A 330 -28.29 -7.30 6.34
N VAL A 331 -28.78 -6.27 7.01
CA VAL A 331 -30.02 -5.61 6.59
C VAL A 331 -29.85 -5.04 5.19
N ALA A 332 -28.74 -4.34 4.95
CA ALA A 332 -28.52 -3.70 3.66
C ALA A 332 -28.39 -4.73 2.56
N LEU A 333 -27.63 -5.80 2.80
CA LEU A 333 -27.45 -6.82 1.77
C LEU A 333 -28.80 -7.44 1.40
N ALA A 334 -29.60 -7.79 2.41
CA ALA A 334 -30.91 -8.39 2.13
C ALA A 334 -31.80 -7.43 1.37
N GLU A 335 -31.75 -6.14 1.70
CA GLU A 335 -32.58 -5.15 1.01
C GLU A 335 -32.17 -5.03 -0.46
N HIS A 336 -30.86 -4.92 -0.72
CA HIS A 336 -30.40 -4.82 -2.11
C HIS A 336 -30.75 -6.07 -2.90
N LEU A 337 -30.49 -7.25 -2.34
CA LEU A 337 -30.79 -8.49 -3.05
C LEU A 337 -32.27 -8.62 -3.34
N GLN A 338 -33.13 -8.09 -2.47
CA GLN A 338 -34.56 -8.29 -2.61
C GLN A 338 -35.14 -7.48 -3.77
N SER A 339 -34.59 -6.29 -4.02
N SER A 339 -34.59 -6.29 -4.04
CA SER A 339 -35.23 -5.34 -4.93
CA SER A 339 -35.22 -5.34 -4.93
C SER A 339 -34.38 -4.97 -6.15
C SER A 339 -34.35 -4.94 -6.11
N ALA A 340 -33.21 -5.57 -6.32
CA ALA A 340 -32.35 -5.22 -7.44
C ALA A 340 -32.82 -5.88 -8.73
N ALA A 341 -32.34 -5.35 -9.86
CA ALA A 341 -32.66 -5.95 -11.15
C ALA A 341 -32.08 -7.35 -11.28
N ASP A 342 -30.91 -7.59 -10.69
CA ASP A 342 -30.28 -8.90 -10.70
C ASP A 342 -29.25 -8.93 -9.59
N ASN A 343 -28.73 -10.13 -9.31
CA ASN A 343 -27.79 -10.28 -8.20
C ASN A 343 -26.54 -9.44 -8.41
N ALA A 344 -26.02 -9.40 -9.64
CA ALA A 344 -24.83 -8.59 -9.90
C ALA A 344 -25.06 -7.13 -9.56
N SER A 345 -26.20 -6.58 -9.94
CA SER A 345 -26.50 -5.19 -9.60
C SER A 345 -26.61 -5.01 -8.10
N ALA A 346 -27.25 -5.96 -7.41
CA ALA A 346 -27.39 -5.87 -5.96
C ALA A 346 -26.03 -5.84 -5.27
N LEU A 347 -25.14 -6.76 -5.64
CA LEU A 347 -23.86 -6.85 -4.95
C LEU A 347 -23.03 -5.58 -5.18
N ALA A 348 -23.02 -5.06 -6.40
CA ALA A 348 -22.31 -3.81 -6.68
C ALA A 348 -22.91 -2.66 -5.87
N ALA A 349 -24.24 -2.57 -5.83
CA ALA A 349 -24.88 -1.50 -5.07
C ALA A 349 -24.63 -1.65 -3.58
N PHE A 350 -24.71 -2.87 -3.06
CA PHE A 350 -24.39 -3.11 -1.65
C PHE A 350 -22.97 -2.66 -1.34
N THR A 351 -22.00 -3.09 -2.15
CA THR A 351 -20.61 -2.71 -1.93
C THR A 351 -20.45 -1.19 -1.98
N ALA A 352 -21.07 -0.54 -2.96
CA ALA A 352 -20.92 0.90 -3.09
C ALA A 352 -21.48 1.63 -1.89
N GLN A 353 -22.58 1.13 -1.33
CA GLN A 353 -23.20 1.79 -0.18
C GLN A 353 -22.35 1.64 1.07
N ARG A 354 -21.91 0.41 1.37
CA ARG A 354 -21.36 0.08 2.67
C ARG A 354 -19.86 0.29 2.79
N GLN A 355 -19.12 0.25 1.67
CA GLN A 355 -17.67 0.40 1.76
C GLN A 355 -17.26 1.70 2.44
N PRO A 356 -17.78 2.86 2.06
CA PRO A 356 -17.37 4.09 2.76
C PRO A 356 -17.68 4.07 4.24
N ASP A 357 -18.79 3.45 4.65
CA ASP A 357 -19.14 3.42 6.07
C ASP A 357 -18.23 2.48 6.83
N ALA A 358 -17.88 1.34 6.23
CA ALA A 358 -16.94 0.42 6.87
C ALA A 358 -15.59 1.08 7.09
N LEU A 359 -15.08 1.79 6.08
CA LEU A 359 -13.82 2.51 6.24
C LEU A 359 -13.91 3.51 7.39
N ALA A 360 -15.06 4.18 7.52
CA ALA A 360 -15.23 5.18 8.56
C ALA A 360 -15.16 4.56 9.95
N ILE A 361 -15.94 3.50 10.19
CA ILE A 361 -15.93 2.90 11.52
C ILE A 361 -14.59 2.24 11.80
N GLN A 362 -13.94 1.68 10.78
CA GLN A 362 -12.59 1.14 10.97
C GLN A 362 -11.65 2.22 11.48
N ALA A 363 -11.71 3.41 10.89
CA ALA A 363 -10.82 4.50 11.31
C ALA A 363 -11.22 5.04 12.68
N MET A 364 -12.52 5.17 12.93
CA MET A 364 -12.96 5.66 14.24
C MET A 364 -12.63 4.67 15.34
N ALA A 365 -12.69 3.37 15.05
CA ALA A 365 -12.34 2.38 16.06
C ALA A 365 -10.88 2.49 16.46
N LEU A 366 -9.98 2.65 15.48
CA LEU A 366 -8.57 2.86 15.78
C LEU A 366 -8.36 4.11 16.62
N GLU A 367 -9.02 5.21 16.24
CA GLU A 367 -8.89 6.45 17.00
C GLU A 367 -9.36 6.30 18.43
N ASN A 368 -10.40 5.48 18.65
CA ASN A 368 -11.02 5.42 19.97
C ASN A 368 -10.11 4.81 21.03
N TYR A 369 -9.11 4.02 20.63
CA TYR A 369 -8.22 3.42 21.63
C TYR A 369 -7.56 4.50 22.48
N VAL A 370 -7.04 5.55 21.83
CA VAL A 370 -6.42 6.64 22.56
C VAL A 370 -7.41 7.25 23.56
N GLU A 371 -8.66 7.43 23.12
CA GLU A 371 -9.67 8.08 23.94
C GLU A 371 -9.92 7.36 25.25
N MET A 372 -9.62 6.07 25.33
CA MET A 372 -9.92 5.26 26.51
C MET A 372 -8.69 4.97 27.36
N SER A 373 -7.60 4.55 26.74
CA SER A 373 -6.45 4.02 27.47
C SER A 373 -5.74 5.06 28.31
N SER A 374 -6.06 6.34 28.17
CA SER A 374 -5.41 7.38 28.96
C SER A 374 -5.88 7.35 30.41
N PRO A 379 -6.94 18.27 30.58
CA PRO A 379 -6.50 19.66 30.48
C PRO A 379 -7.28 20.42 29.41
N THR A 380 -6.67 20.65 28.24
CA THR A 380 -7.44 21.15 27.11
C THR A 380 -8.56 20.20 26.75
N TYR A 381 -8.35 18.90 26.99
CA TYR A 381 -9.37 17.90 26.70
C TYR A 381 -10.66 18.18 27.46
N LEU A 382 -10.54 18.61 28.72
CA LEU A 382 -11.71 18.80 29.56
C LEU A 382 -12.47 20.07 29.18
N LEU A 383 -11.75 21.17 28.92
CA LEU A 383 -12.40 22.41 28.52
C LEU A 383 -13.12 22.24 27.19
N GLU A 384 -12.52 21.50 26.25
CA GLU A 384 -13.17 21.25 24.97
C GLU A 384 -14.48 20.50 25.17
N ARG A 385 -14.46 19.44 25.97
CA ARG A 385 -15.67 18.66 26.20
C ARG A 385 -16.72 19.47 26.96
N GLU A 386 -16.29 20.33 27.88
CA GLU A 386 -17.23 21.24 28.54
C GLU A 386 -17.99 22.06 27.50
N LEU A 387 -17.26 22.75 26.61
CA LEU A 387 -17.91 23.55 25.58
C LEU A 387 -18.80 22.69 24.69
N GLY A 388 -18.33 21.48 24.36
CA GLY A 388 -19.17 20.58 23.58
C GLY A 388 -20.49 20.27 24.26
N GLN A 389 -20.46 20.14 25.59
CA GLN A 389 -21.69 19.90 26.34
C GLN A 389 -22.63 21.10 26.22
N ILE A 390 -22.10 22.31 26.40
CA ILE A 390 -22.91 23.50 26.27
C ILE A 390 -23.48 23.61 24.86
N MET A 391 -22.66 23.34 23.85
CA MET A 391 -23.15 23.39 22.47
C MET A 391 -24.24 22.35 22.24
N ALA A 392 -24.08 21.17 22.82
CA ALA A 392 -25.10 20.14 22.69
C ALA A 392 -26.41 20.57 23.33
N GLN A 393 -26.33 21.25 24.48
CA GLN A 393 -27.54 21.71 25.16
C GLN A 393 -28.16 22.89 24.43
N ARG A 394 -27.35 23.71 23.75
CA ARG A 394 -27.89 24.82 22.97
C ARG A 394 -28.49 24.33 21.66
N GLN A 395 -27.80 23.43 20.97
CA GLN A 395 -28.23 22.91 19.69
C GLN A 395 -28.14 21.38 19.71
N PRO A 396 -28.99 20.73 20.49
CA PRO A 396 -29.00 19.26 20.49
C PRO A 396 -29.34 18.67 19.13
N THR A 397 -29.91 19.47 18.24
CA THR A 397 -30.23 19.03 16.90
C THR A 397 -29.03 19.05 15.96
N ARG A 398 -28.02 19.86 16.26
CA ARG A 398 -26.87 20.07 15.38
C ARG A 398 -25.58 19.52 15.95
N PHE A 399 -25.28 19.80 17.22
CA PHE A 399 -24.04 19.38 17.86
C PHE A 399 -24.32 18.09 18.64
N ILE A 400 -23.99 16.96 18.04
CA ILE A 400 -24.15 15.64 18.65
C ILE A 400 -22.77 15.02 18.77
N PRO A 401 -22.28 14.70 19.96
CA PRO A 401 -20.94 14.12 20.09
C PRO A 401 -20.79 12.88 19.21
N ARG A 402 -19.60 12.72 18.63
CA ARG A 402 -19.37 11.62 17.69
C ARG A 402 -19.73 10.28 18.32
N TYR A 403 -19.36 10.07 19.59
CA TYR A 403 -19.69 8.82 20.25
C TYR A 403 -21.18 8.53 20.20
N SER A 404 -22.00 9.56 20.44
N SER A 404 -22.00 9.56 20.44
CA SER A 404 -23.45 9.37 20.40
CA SER A 404 -23.46 9.37 20.40
C SER A 404 -23.94 9.13 18.99
C SER A 404 -23.93 9.10 18.98
N MET A 405 -23.32 9.76 17.99
CA MET A 405 -23.70 9.51 16.60
C MET A 405 -23.41 8.07 16.20
N VAL A 406 -22.23 7.56 16.58
CA VAL A 406 -21.87 6.19 16.24
C VAL A 406 -22.74 5.21 17.00
N THR A 407 -23.02 5.51 18.26
CA THR A 407 -23.55 4.52 19.18
C THR A 407 -25.07 4.51 19.26
N PHE A 408 -25.71 5.69 19.25
CA PHE A 408 -27.14 5.80 19.51
C PHE A 408 -27.95 6.22 18.31
N SER A 409 -27.34 6.38 17.14
CA SER A 409 -28.06 6.75 15.93
C SER A 409 -27.67 5.81 14.81
N ARG A 410 -28.41 5.89 13.72
CA ARG A 410 -28.16 5.09 12.52
C ARG A 410 -27.63 5.95 11.37
N LEU A 411 -27.13 7.14 11.69
CA LEU A 411 -26.47 7.97 10.70
C LEU A 411 -25.32 7.18 10.07
N PRO A 412 -25.19 7.18 8.74
CA PRO A 412 -24.10 6.44 8.12
C PRO A 412 -22.77 6.78 8.79
N TYR A 413 -21.96 5.73 9.03
CA TYR A 413 -20.69 5.90 9.73
C TYR A 413 -19.87 7.05 9.14
N ALA A 414 -19.76 7.11 7.81
CA ALA A 414 -18.95 8.14 7.18
C ALA A 414 -19.49 9.53 7.48
N GLN A 415 -20.82 9.66 7.49
CA GLN A 415 -21.43 10.94 7.84
C GLN A 415 -21.14 11.29 9.29
N ALA A 416 -21.21 10.31 10.19
CA ALA A 416 -20.89 10.56 11.59
C ALA A 416 -19.44 10.99 11.77
N MET A 417 -18.53 10.40 11.01
CA MET A 417 -17.13 10.78 11.12
C MET A 417 -16.90 12.20 10.59
N ALA A 418 -17.54 12.55 9.48
CA ALA A 418 -17.38 13.88 8.92
C ALA A 418 -17.90 14.95 9.88
N ARG A 419 -19.11 14.78 10.40
CA ARG A 419 -19.63 15.73 11.38
C ARG A 419 -18.79 15.74 12.64
N GLY A 420 -18.22 14.59 13.02
CA GLY A 420 -17.36 14.56 14.19
C GLY A 420 -16.10 15.38 13.99
N GLN A 421 -15.55 15.37 12.78
CA GLN A 421 -14.37 16.19 12.49
C GLN A 421 -14.72 17.67 12.60
N ILE A 422 -15.81 18.08 11.96
CA ILE A 422 -16.23 19.48 12.02
C ILE A 422 -16.39 19.92 13.47
N GLN A 423 -16.95 19.06 14.31
CA GLN A 423 -17.18 19.42 15.71
C GLN A 423 -15.87 19.48 16.49
N GLU A 424 -14.97 18.51 16.26
CA GLU A 424 -13.71 18.51 16.99
C GLU A 424 -12.87 19.73 16.65
N GLN A 425 -12.76 20.05 15.35
CA GLN A 425 -12.03 21.25 14.96
C GLN A 425 -12.72 22.50 15.47
N LEU A 426 -14.06 22.48 15.55
CA LEU A 426 -14.81 23.59 16.12
C LEU A 426 -14.40 23.85 17.57
N LEU A 427 -14.46 22.81 18.40
CA LEU A 427 -14.10 22.97 19.81
C LEU A 427 -12.62 23.26 19.97
N LYS A 428 -11.78 22.64 19.14
CA LYS A 428 -10.34 22.86 19.25
C LYS A 428 -9.99 24.32 19.03
N PHE A 429 -10.55 24.93 17.98
CA PHE A 429 -10.26 26.32 17.68
C PHE A 429 -10.84 27.25 18.75
N ALA A 430 -12.06 26.97 19.21
CA ALA A 430 -12.70 27.83 20.19
C ALA A 430 -11.96 27.80 21.53
N VAL A 431 -11.38 26.65 21.89
CA VAL A 431 -10.67 26.53 23.16
C VAL A 431 -9.24 27.05 23.06
N ALA A 432 -8.67 27.09 21.86
CA ALA A 432 -7.29 27.54 21.71
C ALA A 432 -7.09 28.93 22.30
N ASN A 433 -5.98 29.11 23.02
CA ASN A 433 -5.63 30.39 23.61
C ASN A 433 -6.75 30.92 24.51
N HIS A 434 -7.37 30.02 25.27
CA HIS A 434 -8.37 30.39 26.27
C HIS A 434 -8.11 29.55 27.50
N SER A 435 -7.92 30.21 28.65
CA SER A 435 -7.63 29.50 29.88
C SER A 435 -8.86 28.82 30.46
N ASP A 436 -10.04 29.40 30.25
CA ASP A 436 -11.27 28.89 30.84
C ASP A 436 -12.44 29.28 29.96
N LEU A 437 -13.63 28.80 30.32
CA LEU A 437 -14.84 29.15 29.59
C LEU A 437 -15.23 30.61 29.79
N THR A 438 -14.85 31.19 30.94
CA THR A 438 -15.18 32.58 31.20
C THR A 438 -14.67 33.51 30.12
N SER A 439 -13.63 33.11 29.39
CA SER A 439 -13.05 33.92 28.33
C SER A 439 -13.53 33.51 26.94
N ILE A 440 -14.48 32.59 26.85
CA ILE A 440 -15.00 32.09 25.59
C ILE A 440 -16.40 32.62 25.39
N ASN A 441 -16.65 33.24 24.23
CA ASN A 441 -17.97 33.75 23.87
C ASN A 441 -18.77 32.60 23.25
N LEU A 442 -19.77 32.12 23.99
CA LEU A 442 -20.50 30.92 23.57
C LEU A 442 -21.45 31.19 22.41
N ASP A 443 -21.80 32.46 22.16
CA ASP A 443 -22.71 32.76 21.06
C ASP A 443 -22.04 32.62 19.70
N ALA A 444 -20.79 33.08 19.59
CA ALA A 444 -20.11 33.02 18.30
C ALA A 444 -19.81 31.58 17.90
N VAL A 445 -19.48 30.73 18.86
CA VAL A 445 -19.28 29.31 18.55
C VAL A 445 -20.60 28.67 18.11
N GLU A 446 -21.70 29.00 18.80
CA GLU A 446 -23.00 28.54 18.35
C GLU A 446 -23.29 29.00 16.93
N HIS A 447 -22.98 30.27 16.64
CA HIS A 447 -23.09 30.76 15.27
C HIS A 447 -22.32 29.89 14.29
N GLU A 448 -21.10 29.50 14.66
CA GLU A 448 -20.32 28.59 13.82
C GLU A 448 -20.96 27.20 13.76
N VAL A 449 -21.58 26.76 14.86
CA VAL A 449 -22.29 25.48 14.84
C VAL A 449 -23.43 25.53 13.85
N THR A 450 -24.22 26.61 13.87
CA THR A 450 -25.32 26.74 12.92
C THR A 450 -24.82 26.93 11.50
N ARG A 451 -23.61 27.46 11.33
CA ARG A 451 -23.06 27.68 10.00
C ARG A 451 -22.57 26.39 9.36
N CYS A 452 -21.94 25.52 10.15
CA CYS A 452 -21.26 24.35 9.61
C CYS A 452 -22.01 23.03 9.81
N LEU A 453 -22.98 22.99 10.71
CA LEU A 453 -23.65 21.74 11.07
C LEU A 453 -25.15 21.84 10.85
N PRO A 454 -25.68 21.32 9.74
CA PRO A 454 -27.13 21.25 9.58
C PRO A 454 -27.76 20.37 10.65
N PRO A 455 -29.06 20.56 10.95
CA PRO A 455 -29.72 19.78 12.00
C PRO A 455 -29.86 18.30 11.64
N ARG B 7 46.38 0.54 -4.12
CA ARG B 7 45.29 -0.43 -4.33
C ARG B 7 44.93 -0.50 -5.80
N GLN B 8 44.90 -1.73 -6.33
CA GLN B 8 44.72 -1.96 -7.76
C GLN B 8 43.31 -2.43 -8.06
N VAL B 9 42.81 -2.02 -9.22
CA VAL B 9 41.47 -2.40 -9.66
C VAL B 9 41.44 -2.43 -11.19
N THR B 10 40.73 -3.41 -11.74
CA THR B 10 40.51 -3.54 -13.17
C THR B 10 39.02 -3.40 -13.42
N ILE B 11 38.64 -2.46 -14.28
CA ILE B 11 37.25 -2.19 -14.60
C ILE B 11 37.00 -2.60 -16.05
N ILE B 12 35.95 -3.37 -16.28
CA ILE B 12 35.53 -3.75 -17.63
C ILE B 12 34.32 -2.91 -18.00
N GLY B 13 34.46 -2.13 -19.08
CA GLY B 13 33.37 -1.32 -19.58
C GLY B 13 33.58 0.16 -19.33
N ALA B 14 33.98 0.88 -20.37
CA ALA B 14 34.13 2.33 -20.30
C ALA B 14 32.83 3.02 -20.73
N GLY B 15 31.72 2.58 -20.15
CA GLY B 15 30.43 3.18 -20.41
C GLY B 15 30.17 4.36 -19.49
N LEU B 16 29.06 4.32 -18.75
CA LEU B 16 28.70 5.40 -17.84
C LEU B 16 29.10 5.10 -16.41
N ALA B 17 28.72 3.92 -15.89
CA ALA B 17 29.11 3.55 -14.54
C ALA B 17 30.61 3.29 -14.43
N GLY B 18 31.19 2.63 -15.44
CA GLY B 18 32.59 2.25 -15.36
C GLY B 18 33.53 3.45 -15.37
N THR B 19 33.23 4.44 -16.22
N THR B 19 33.24 4.43 -16.23
CA THR B 19 34.10 5.61 -16.31
CA THR B 19 34.09 5.61 -16.32
C THR B 19 33.99 6.47 -15.06
C THR B 19 34.00 6.46 -15.06
N LEU B 20 32.80 6.59 -14.49
CA LEU B 20 32.62 7.39 -13.28
C LEU B 20 33.34 6.76 -12.10
N VAL B 21 33.17 5.45 -11.90
CA VAL B 21 33.83 4.81 -10.77
C VAL B 21 35.34 4.83 -10.96
N ALA B 22 35.80 4.77 -12.21
CA ALA B 22 37.24 4.89 -12.49
C ALA B 22 37.77 6.23 -12.01
N ARG B 23 37.04 7.32 -12.29
CA ARG B 23 37.46 8.64 -11.83
C ARG B 23 37.47 8.71 -10.31
N LEU B 24 36.40 8.23 -9.67
CA LEU B 24 36.29 8.34 -8.22
C LEU B 24 37.38 7.54 -7.52
N LEU B 25 37.73 6.37 -8.06
CA LEU B 25 38.79 5.56 -7.45
C LEU B 25 40.17 6.14 -7.75
N ALA B 26 40.46 6.44 -9.01
CA ALA B 26 41.76 7.00 -9.35
C ALA B 26 42.01 8.29 -8.58
N ARG B 27 40.97 9.09 -8.36
CA ARG B 27 41.09 10.31 -7.59
C ARG B 27 41.52 10.03 -6.16
N ASN B 28 41.11 8.88 -5.61
CA ASN B 28 41.47 8.49 -4.25
C ASN B 28 42.73 7.63 -4.18
N GLY B 29 43.56 7.65 -5.22
CA GLY B 29 44.85 6.99 -5.18
C GLY B 29 44.87 5.56 -5.66
N TRP B 30 43.75 5.00 -6.12
CA TRP B 30 43.75 3.66 -6.67
C TRP B 30 44.48 3.62 -7.99
N GLN B 31 45.06 2.46 -8.29
CA GLN B 31 45.63 2.18 -9.62
C GLN B 31 44.53 1.56 -10.47
N VAL B 32 44.02 2.33 -11.43
CA VAL B 32 42.84 1.96 -12.20
C VAL B 32 43.24 1.68 -13.64
N ASN B 33 42.87 0.49 -14.12
CA ASN B 33 42.96 0.14 -15.53
C ASN B 33 41.58 -0.23 -16.02
N LEU B 34 41.14 0.45 -17.08
CA LEU B 34 39.79 0.31 -17.61
C LEU B 34 39.89 -0.22 -19.04
N PHE B 35 39.17 -1.30 -19.32
CA PHE B 35 39.20 -1.97 -20.61
C PHE B 35 37.85 -1.83 -21.30
N GLU B 36 37.87 -1.44 -22.56
CA GLU B 36 36.65 -1.20 -23.33
C GLU B 36 36.74 -1.94 -24.66
N ARG B 37 35.66 -2.65 -25.01
CA ARG B 37 35.62 -3.40 -26.26
C ARG B 37 35.60 -2.46 -27.46
N ARG B 38 34.85 -1.37 -27.37
CA ARG B 38 34.66 -0.46 -28.49
C ARG B 38 35.88 0.42 -28.69
N PRO B 39 35.99 1.08 -29.85
CA PRO B 39 37.05 2.07 -30.03
C PRO B 39 36.82 3.30 -29.16
N ASP B 40 37.86 4.11 -29.03
CA ASP B 40 37.76 5.37 -28.30
C ASP B 40 36.89 6.34 -29.10
N PRO B 41 35.72 6.74 -28.60
CA PRO B 41 34.85 7.63 -29.39
C PRO B 41 35.41 9.03 -29.56
N ARG B 42 36.46 9.39 -28.82
CA ARG B 42 37.09 10.69 -28.96
C ARG B 42 38.03 10.77 -30.15
N ILE B 43 38.39 9.63 -30.74
CA ILE B 43 39.20 9.60 -31.97
C ILE B 43 38.23 9.77 -33.13
N GLU B 44 38.20 10.98 -33.70
CA GLU B 44 37.30 11.27 -34.80
C GLU B 44 37.65 10.43 -36.02
N THR B 45 36.65 9.82 -36.63
CA THR B 45 36.77 9.10 -37.88
C THR B 45 35.85 9.75 -38.92
N GLY B 46 35.77 9.14 -40.09
CA GLY B 46 34.86 9.60 -41.12
C GLY B 46 33.45 9.07 -40.99
N ALA B 47 33.19 8.25 -39.98
CA ALA B 47 31.87 7.67 -39.81
C ALA B 47 30.91 8.68 -39.18
N ARG B 48 29.64 8.54 -39.52
CA ARG B 48 28.59 9.39 -38.95
C ARG B 48 28.18 8.83 -37.60
N GLY B 49 28.36 9.61 -36.54
CA GLY B 49 27.81 9.26 -35.25
C GLY B 49 26.30 9.25 -35.29
N ARG B 50 25.66 8.87 -34.18
CA ARG B 50 24.20 8.91 -34.09
C ARG B 50 23.82 9.51 -32.75
N SER B 51 22.71 10.25 -32.74
CA SER B 51 22.28 11.03 -31.60
C SER B 51 21.21 10.25 -30.83
N ILE B 52 21.63 9.55 -29.78
CA ILE B 52 20.73 8.99 -28.80
C ILE B 52 20.85 9.82 -27.53
N ASN B 53 19.71 10.21 -26.97
CA ASN B 53 19.66 11.10 -25.83
C ASN B 53 19.27 10.34 -24.57
N LEU B 54 19.59 10.94 -23.42
CA LEU B 54 19.25 10.40 -22.12
C LEU B 54 18.66 11.49 -21.25
N ALA B 55 17.71 11.09 -20.40
CA ALA B 55 17.13 11.99 -19.40
C ALA B 55 17.97 11.88 -18.14
N LEU B 56 18.70 12.96 -17.82
CA LEU B 56 19.53 13.04 -16.62
C LEU B 56 18.73 13.74 -15.53
N ALA B 57 18.55 13.07 -14.39
CA ALA B 57 17.77 13.59 -13.29
C ALA B 57 18.68 13.84 -12.08
N GLU B 58 18.06 14.19 -10.95
CA GLU B 58 18.83 14.63 -9.78
C GLU B 58 19.84 13.57 -9.34
N ARG B 59 19.44 12.30 -9.36
CA ARG B 59 20.33 11.23 -8.91
C ARG B 59 21.60 11.19 -9.75
N GLY B 60 21.45 11.21 -11.08
CA GLY B 60 22.61 11.24 -11.95
C GLY B 60 23.40 12.54 -11.83
N ALA B 61 22.69 13.66 -11.81
CA ALA B 61 23.37 14.95 -11.73
C ALA B 61 24.17 15.09 -10.43
N HIS B 62 23.60 14.63 -9.32
CA HIS B 62 24.32 14.70 -8.05
C HIS B 62 25.57 13.83 -8.07
N ALA B 63 25.50 12.65 -8.69
CA ALA B 63 26.68 11.81 -8.82
C ALA B 63 27.77 12.53 -9.60
N LEU B 64 27.40 13.17 -10.71
CA LEU B 64 28.36 13.96 -11.46
C LEU B 64 28.86 15.16 -10.67
N ARG B 65 27.99 15.73 -9.85
CA ARG B 65 28.38 16.85 -8.99
C ARG B 65 29.50 16.44 -8.04
N LEU B 66 29.33 15.32 -7.35
CA LEU B 66 30.37 14.83 -6.45
C LEU B 66 31.67 14.58 -7.20
N ALA B 67 31.59 14.18 -8.47
CA ALA B 67 32.77 13.93 -9.28
C ALA B 67 33.36 15.20 -9.89
N GLY B 68 32.69 16.34 -9.75
CA GLY B 68 33.16 17.57 -10.34
C GLY B 68 32.90 17.71 -11.82
N LEU B 69 31.89 17.01 -12.34
CA LEU B 69 31.63 16.99 -13.78
C LEU B 69 30.25 17.52 -14.16
N GLU B 70 29.40 17.85 -13.20
CA GLU B 70 28.04 18.27 -13.54
C GLU B 70 28.04 19.51 -14.43
N ARG B 71 28.82 20.53 -14.05
CA ARG B 71 28.84 21.77 -14.80
C ARG B 71 29.16 21.52 -16.27
N GLU B 72 30.19 20.72 -16.54
CA GLU B 72 30.59 20.45 -17.92
C GLU B 72 29.50 19.70 -18.66
N VAL B 73 28.82 18.77 -17.98
CA VAL B 73 27.76 17.99 -18.64
C VAL B 73 26.54 18.86 -18.93
N LEU B 74 26.10 19.63 -17.94
CA LEU B 74 24.89 20.42 -18.10
C LEU B 74 25.07 21.52 -19.14
N ALA B 75 26.31 21.97 -19.36
CA ALA B 75 26.56 22.98 -20.40
C ALA B 75 26.20 22.45 -21.78
N GLU B 76 26.11 21.13 -21.96
CA GLU B 76 25.74 20.52 -23.24
C GLU B 76 24.40 19.80 -23.15
N ALA B 77 23.54 20.21 -22.23
CA ALA B 77 22.25 19.55 -22.02
C ALA B 77 21.11 20.55 -22.17
N VAL B 78 19.98 20.04 -22.69
CA VAL B 78 18.78 20.84 -22.88
C VAL B 78 17.87 20.67 -21.67
N MET B 79 17.42 21.80 -21.12
CA MET B 79 16.52 21.77 -19.98
C MET B 79 15.13 21.33 -20.41
N MET B 80 14.56 20.36 -19.70
CA MET B 80 13.18 19.92 -19.92
C MET B 80 12.38 20.32 -18.69
N ARG B 81 11.62 21.40 -18.81
CA ARG B 81 10.87 21.95 -17.69
C ARG B 81 9.62 21.15 -17.35
N GLY B 82 9.13 20.34 -18.26
CA GLY B 82 7.89 19.62 -18.01
C GLY B 82 7.64 18.59 -19.07
N ARG B 83 6.50 17.92 -18.92
CA ARG B 83 6.06 16.86 -19.82
C ARG B 83 5.01 17.42 -20.77
N MET B 84 5.20 17.19 -22.07
CA MET B 84 4.27 17.63 -23.10
C MET B 84 3.59 16.38 -23.65
N VAL B 85 2.34 16.15 -23.23
CA VAL B 85 1.61 14.95 -23.59
C VAL B 85 0.79 15.22 -24.84
N HIS B 86 0.96 14.39 -25.85
CA HIS B 86 0.23 14.50 -27.12
C HIS B 86 -0.82 13.39 -27.16
N VAL B 87 -2.06 13.73 -26.83
CA VAL B 87 -3.18 12.81 -26.87
C VAL B 87 -4.22 13.38 -27.83
N PRO B 88 -4.77 12.59 -28.75
CA PRO B 88 -5.76 13.14 -29.68
C PRO B 88 -7.00 13.64 -28.95
N GLY B 89 -7.56 14.73 -29.46
CA GLY B 89 -8.77 15.33 -28.92
C GLY B 89 -8.54 16.70 -28.31
N THR B 90 -7.33 16.97 -27.83
CA THR B 90 -6.99 18.26 -27.23
C THR B 90 -5.57 18.63 -27.61
N PRO B 91 -5.25 19.93 -27.66
CA PRO B 91 -3.88 20.33 -27.96
C PRO B 91 -2.91 19.81 -26.90
N PRO B 92 -1.62 19.70 -27.23
CA PRO B 92 -0.67 19.15 -26.26
C PRO B 92 -0.71 19.91 -24.93
N ASN B 93 -0.71 19.16 -23.84
CA ASN B 93 -0.79 19.71 -22.50
C ASN B 93 0.60 19.70 -21.87
N LEU B 94 1.09 20.88 -21.48
CA LEU B 94 2.40 21.02 -20.86
C LEU B 94 2.22 20.95 -19.35
N GLN B 95 2.72 19.86 -18.75
CA GLN B 95 2.62 19.65 -17.31
C GLN B 95 3.97 19.97 -16.68
N PRO B 96 4.14 21.12 -16.02
CA PRO B 96 5.44 21.44 -15.43
C PRO B 96 5.84 20.41 -14.39
N TYR B 97 7.16 20.23 -14.25
CA TYR B 97 7.69 19.29 -13.28
C TYR B 97 7.65 19.83 -11.86
N GLY B 98 7.80 21.14 -11.69
CA GLY B 98 7.81 21.72 -10.36
C GLY B 98 7.44 23.18 -10.39
N ARG B 99 7.53 23.80 -9.21
CA ARG B 99 7.17 25.21 -9.08
C ARG B 99 7.97 26.09 -10.04
N ASP B 100 9.27 25.81 -10.18
CA ASP B 100 10.16 26.63 -10.98
C ASP B 100 11.16 25.72 -11.68
N ASP B 101 12.17 26.33 -12.31
CA ASP B 101 13.21 25.58 -13.01
C ASP B 101 14.15 24.81 -12.06
N SER B 102 13.87 24.73 -10.76
CA SER B 102 14.70 23.91 -9.87
C SER B 102 14.42 22.43 -10.11
N GLU B 103 13.16 22.08 -10.40
CA GLU B 103 12.78 20.69 -10.68
C GLU B 103 12.66 20.55 -12.19
N VAL B 104 13.75 20.11 -12.82
CA VAL B 104 13.81 19.90 -14.25
C VAL B 104 14.58 18.60 -14.52
N ILE B 105 14.42 18.11 -15.73
CA ILE B 105 15.19 16.97 -16.23
C ILE B 105 16.01 17.47 -17.41
N TRP B 106 17.20 16.90 -17.58
CA TRP B 106 18.14 17.34 -18.59
C TRP B 106 18.25 16.29 -19.69
N SER B 107 18.17 16.73 -20.94
CA SER B 107 18.38 15.88 -22.10
C SER B 107 19.83 16.03 -22.57
N ILE B 108 20.59 14.94 -22.50
CA ILE B 108 22.02 14.95 -22.81
C ILE B 108 22.31 13.87 -23.84
N ASN B 109 23.12 14.22 -24.84
CA ASN B 109 23.58 13.24 -25.81
C ASN B 109 24.47 12.20 -25.11
N ARG B 110 24.17 10.92 -25.34
N ARG B 110 24.15 10.92 -25.30
CA ARG B 110 24.90 9.85 -24.67
CA ARG B 110 24.92 9.87 -24.65
C ARG B 110 26.38 9.89 -25.01
C ARG B 110 26.40 9.98 -24.99
N ASP B 111 26.72 10.17 -26.28
CA ASP B 111 28.11 10.21 -26.68
C ASP B 111 28.85 11.38 -26.05
N ARG B 112 28.21 12.56 -25.99
CA ARG B 112 28.80 13.69 -25.30
C ARG B 112 29.09 13.34 -23.84
N LEU B 113 28.11 12.74 -23.15
CA LEU B 113 28.30 12.37 -21.76
C LEU B 113 29.46 11.39 -21.61
N ASN B 114 29.53 10.38 -22.48
CA ASN B 114 30.58 9.39 -22.36
C ASN B 114 31.95 10.02 -22.59
N ARG B 115 32.06 10.93 -23.56
CA ARG B 115 33.33 11.59 -23.83
C ARG B 115 33.78 12.41 -22.63
N ILE B 116 32.85 13.14 -22.01
CA ILE B 116 33.20 13.94 -20.83
C ILE B 116 33.69 13.04 -19.71
N LEU B 117 33.03 11.90 -19.51
CA LEU B 117 33.42 10.99 -18.45
C LEU B 117 34.75 10.32 -18.75
N LEU B 118 34.99 9.97 -20.02
CA LEU B 118 36.29 9.42 -20.41
C LEU B 118 37.42 10.39 -20.08
N ASP B 119 37.24 11.66 -20.46
CA ASP B 119 38.23 12.68 -20.11
C ASP B 119 38.38 12.78 -18.59
N GLY B 120 37.26 12.71 -17.86
CA GLY B 120 37.33 12.84 -16.41
C GLY B 120 38.08 11.68 -15.76
N ALA B 121 37.90 10.48 -16.27
CA ALA B 121 38.60 9.32 -15.73
C ALA B 121 40.10 9.43 -15.95
N GLU B 122 40.51 9.90 -17.13
CA GLU B 122 41.93 10.03 -17.43
C GLU B 122 42.54 11.18 -16.65
N ALA B 123 41.80 12.29 -16.48
CA ALA B 123 42.33 13.41 -15.69
C ALA B 123 42.63 12.99 -14.27
N ALA B 124 41.85 12.05 -13.71
CA ALA B 124 42.07 11.57 -12.36
C ALA B 124 43.19 10.54 -12.26
N GLY B 125 43.72 10.06 -13.39
CA GLY B 125 44.83 9.14 -13.38
C GLY B 125 44.51 7.74 -13.85
N ALA B 126 43.27 7.47 -14.27
CA ALA B 126 42.94 6.15 -14.78
C ALA B 126 43.53 5.94 -16.17
N SER B 127 43.90 4.70 -16.46
CA SER B 127 44.40 4.30 -17.77
C SER B 127 43.30 3.50 -18.47
N ILE B 128 42.91 3.95 -19.67
CA ILE B 128 41.82 3.35 -20.42
C ILE B 128 42.39 2.68 -21.65
N HIS B 129 42.04 1.41 -21.85
CA HIS B 129 42.51 0.61 -22.96
C HIS B 129 41.30 0.19 -23.80
N PHE B 130 41.22 0.72 -25.02
CA PHE B 130 40.09 0.45 -25.89
C PHE B 130 40.39 -0.74 -26.81
N ASN B 131 39.36 -1.16 -27.53
CA ASN B 131 39.46 -2.25 -28.51
C ASN B 131 39.86 -3.57 -27.85
N LEU B 132 39.47 -3.77 -26.59
CA LEU B 132 39.76 -5.00 -25.86
C LEU B 132 38.52 -5.39 -25.06
N GLY B 133 37.92 -6.51 -25.43
CA GLY B 133 36.73 -7.02 -24.75
C GLY B 133 37.08 -8.23 -23.90
N LEU B 134 36.48 -8.29 -22.71
CA LEU B 134 36.68 -9.43 -21.83
C LEU B 134 35.99 -10.66 -22.41
N ASP B 135 36.72 -11.77 -22.48
CA ASP B 135 36.17 -13.05 -22.93
C ASP B 135 35.92 -14.02 -21.78
N SER B 136 36.79 -14.06 -20.77
CA SER B 136 36.64 -15.02 -19.69
C SER B 136 37.48 -14.57 -18.51
N VAL B 137 37.21 -15.17 -17.35
CA VAL B 137 37.96 -14.90 -16.13
C VAL B 137 38.27 -16.23 -15.45
N ASP B 138 39.51 -16.37 -14.99
CA ASP B 138 39.92 -17.51 -14.18
C ASP B 138 40.09 -17.00 -12.75
N PHE B 139 39.05 -17.20 -11.93
CA PHE B 139 39.06 -16.65 -10.59
C PHE B 139 40.07 -17.37 -9.69
N ALA B 140 40.30 -18.66 -9.91
CA ALA B 140 41.25 -19.39 -9.09
C ALA B 140 42.67 -18.88 -9.31
N ARG B 141 43.06 -18.69 -10.57
CA ARG B 141 44.39 -18.19 -10.90
C ARG B 141 44.45 -16.66 -10.92
N GLN B 142 43.34 -15.98 -10.69
CA GLN B 142 43.33 -14.51 -10.64
C GLN B 142 43.81 -13.92 -11.96
N ARG B 143 43.34 -14.47 -13.06
CA ARG B 143 43.69 -13.99 -14.39
C ARG B 143 42.43 -13.89 -15.24
N LEU B 144 42.46 -12.97 -16.19
CA LEU B 144 41.36 -12.79 -17.13
C LEU B 144 41.93 -12.72 -18.53
N THR B 145 41.06 -12.96 -19.52
CA THR B 145 41.45 -13.01 -20.92
C THR B 145 40.65 -11.98 -21.70
N LEU B 146 41.36 -11.12 -22.43
CA LEU B 146 40.79 -10.12 -23.30
C LEU B 146 41.09 -10.47 -24.75
N SER B 147 40.31 -9.90 -25.67
CA SER B 147 40.55 -10.10 -27.09
C SER B 147 40.06 -8.91 -27.88
N ASN B 148 40.74 -8.64 -28.99
CA ASN B 148 40.32 -7.64 -29.95
C ASN B 148 39.35 -8.26 -30.94
N VAL B 149 38.83 -7.45 -31.87
CA VAL B 149 37.84 -7.95 -32.82
C VAL B 149 38.44 -9.06 -33.68
N SER B 150 39.75 -9.01 -33.93
CA SER B 150 40.42 -9.98 -34.79
C SER B 150 40.74 -11.30 -34.07
N GLY B 151 40.27 -11.49 -32.84
CA GLY B 151 40.42 -12.75 -32.16
C GLY B 151 41.68 -12.92 -31.33
N GLU B 152 42.67 -12.05 -31.51
CA GLU B 152 43.89 -12.15 -30.72
C GLU B 152 43.57 -12.01 -29.24
N ARG B 153 44.00 -13.00 -28.45
CA ARG B 153 43.73 -13.03 -27.03
C ARG B 153 44.91 -12.52 -26.23
N LEU B 154 44.63 -11.99 -25.04
CA LEU B 154 45.64 -11.40 -24.18
C LEU B 154 45.22 -11.60 -22.72
N GLU B 155 46.11 -12.19 -21.92
CA GLU B 155 45.82 -12.51 -20.53
C GLU B 155 46.42 -11.45 -19.61
N LYS B 156 45.68 -11.12 -18.55
CA LYS B 156 46.12 -10.12 -17.58
C LYS B 156 45.86 -10.64 -16.17
N ARG B 157 46.78 -10.37 -15.26
CA ARG B 157 46.54 -10.58 -13.84
C ARG B 157 45.61 -9.50 -13.32
N PHE B 158 44.74 -9.86 -12.37
CA PHE B 158 43.85 -8.90 -11.74
C PHE B 158 43.74 -9.20 -10.25
N HIS B 159 43.49 -8.15 -9.48
CA HIS B 159 43.27 -8.24 -8.04
C HIS B 159 41.84 -7.91 -7.64
N LEU B 160 41.25 -6.88 -8.24
CA LEU B 160 39.84 -6.56 -8.06
C LEU B 160 39.25 -6.29 -9.44
N LEU B 161 38.10 -6.90 -9.73
CA LEU B 161 37.48 -6.80 -11.04
C LEU B 161 36.10 -6.19 -10.90
N ILE B 162 35.89 -5.05 -11.54
CA ILE B 162 34.60 -4.37 -11.53
C ILE B 162 33.92 -4.58 -12.88
N GLY B 163 32.76 -5.23 -12.86
CA GLY B 163 31.99 -5.44 -14.06
C GLY B 163 31.03 -4.29 -14.33
N ALA B 164 31.46 -3.35 -15.16
CA ALA B 164 30.63 -2.24 -15.61
C ALA B 164 30.36 -2.35 -17.11
N ASP B 165 30.14 -3.58 -17.59
CA ASP B 165 30.13 -3.87 -19.02
C ASP B 165 28.73 -4.13 -19.57
N GLY B 166 27.71 -3.51 -18.98
CA GLY B 166 26.40 -3.42 -19.62
C GLY B 166 25.50 -4.62 -19.39
N CYS B 167 24.33 -4.56 -20.03
CA CYS B 167 23.28 -5.54 -19.79
C CYS B 167 23.65 -6.95 -20.24
N ASN B 168 24.59 -7.08 -21.18
CA ASN B 168 25.12 -8.38 -21.60
C ASN B 168 26.49 -8.65 -21.01
N SER B 169 26.67 -8.27 -19.74
CA SER B 169 27.97 -8.28 -19.08
C SER B 169 28.70 -9.61 -19.25
N ALA B 170 29.96 -9.52 -19.69
CA ALA B 170 30.82 -10.69 -19.73
C ALA B 170 31.35 -11.05 -18.35
N VAL B 171 31.55 -10.04 -17.49
CA VAL B 171 31.94 -10.31 -16.11
C VAL B 171 30.87 -11.11 -15.40
N ARG B 172 29.60 -10.74 -15.62
CA ARG B 172 28.49 -11.50 -15.04
C ARG B 172 28.51 -12.94 -15.54
N GLN B 173 28.73 -13.14 -16.84
CA GLN B 173 28.85 -14.48 -17.38
C GLN B 173 29.94 -15.27 -16.66
N ALA B 174 31.12 -14.68 -16.49
CA ALA B 174 32.22 -15.36 -15.84
C ALA B 174 31.90 -15.67 -14.38
N MET B 175 31.32 -14.71 -13.67
CA MET B 175 30.94 -14.93 -12.28
C MET B 175 29.96 -16.08 -12.16
N ALA B 176 29.01 -16.18 -13.09
CA ALA B 176 27.98 -17.20 -13.02
C ALA B 176 28.53 -18.62 -13.10
N SER B 177 29.79 -18.78 -13.52
CA SER B 177 30.40 -20.10 -13.62
C SER B 177 31.09 -20.54 -12.34
N VAL B 178 31.25 -19.64 -11.36
CA VAL B 178 31.85 -19.98 -10.08
C VAL B 178 30.86 -19.88 -8.93
N VAL B 179 29.80 -19.08 -9.07
CA VAL B 179 28.75 -18.99 -8.05
C VAL B 179 27.42 -18.85 -8.78
N ASP B 180 26.35 -19.30 -8.13
CA ASP B 180 25.02 -19.18 -8.70
C ASP B 180 24.50 -17.77 -8.39
N LEU B 181 24.32 -16.96 -9.44
CA LEU B 181 23.87 -15.60 -9.29
C LEU B 181 22.38 -15.50 -8.97
N GLY B 182 21.64 -16.60 -8.99
CA GLY B 182 20.22 -16.56 -8.79
C GLY B 182 19.54 -15.64 -9.77
N GLU B 183 19.88 -15.79 -11.05
CA GLU B 183 19.35 -14.91 -12.07
C GLU B 183 17.87 -15.19 -12.31
N HIS B 184 17.12 -14.12 -12.59
CA HIS B 184 15.70 -14.21 -12.89
C HIS B 184 15.39 -13.20 -14.00
N LEU B 185 15.12 -13.70 -15.20
CA LEU B 185 14.86 -12.86 -16.36
C LEU B 185 13.37 -12.68 -16.53
N GLU B 186 12.91 -11.43 -16.47
CA GLU B 186 11.52 -11.08 -16.75
C GLU B 186 11.51 -10.42 -18.12
N THR B 187 11.16 -11.19 -19.15
CA THR B 187 11.18 -10.68 -20.51
C THR B 187 10.20 -9.52 -20.66
N GLN B 188 10.49 -8.66 -21.63
CA GLN B 188 9.64 -7.52 -21.95
C GLN B 188 9.13 -7.67 -23.38
N PRO B 189 7.82 -7.59 -23.62
CA PRO B 189 7.32 -7.79 -24.99
C PRO B 189 7.62 -6.64 -25.94
N HIS B 190 7.95 -5.46 -25.41
CA HIS B 190 8.16 -4.30 -26.26
C HIS B 190 9.58 -4.27 -26.82
N GLY B 191 9.69 -4.03 -28.12
CA GLY B 191 10.92 -3.57 -28.72
C GLY B 191 10.90 -2.06 -28.85
N TYR B 192 12.02 -1.50 -29.30
CA TYR B 192 12.09 -0.06 -29.50
C TYR B 192 12.86 0.28 -30.76
N LYS B 193 12.45 1.37 -31.40
CA LYS B 193 13.04 1.85 -32.64
C LYS B 193 13.33 3.34 -32.49
N GLU B 194 14.55 3.75 -32.83
CA GLU B 194 14.96 5.15 -32.72
C GLU B 194 14.76 5.86 -34.05
N LEU B 195 14.05 6.97 -34.02
CA LEU B 195 13.78 7.81 -35.18
C LEU B 195 14.34 9.20 -34.91
N GLN B 196 14.16 10.10 -35.89
CA GLN B 196 14.76 11.42 -35.82
C GLN B 196 13.82 12.48 -36.35
N ILE B 197 13.83 13.65 -35.72
CA ILE B 197 13.17 14.85 -36.22
C ILE B 197 14.24 15.90 -36.42
N THR B 198 14.27 16.50 -37.61
CA THR B 198 15.30 17.47 -37.94
C THR B 198 15.03 18.80 -37.24
N PRO B 199 16.05 19.66 -37.13
CA PRO B 199 15.80 21.01 -36.60
C PRO B 199 14.78 21.78 -37.42
N GLU B 200 14.71 21.54 -38.73
CA GLU B 200 13.76 22.26 -39.57
C GLU B 200 12.34 21.80 -39.32
N ALA B 201 12.14 20.49 -39.17
CA ALA B 201 10.79 19.97 -38.92
C ALA B 201 10.26 20.38 -37.56
N SER B 202 11.10 20.31 -36.53
CA SER B 202 10.63 20.66 -35.18
C SER B 202 10.25 22.13 -35.12
N ALA B 203 11.00 23.00 -35.78
CA ALA B 203 10.65 24.41 -35.82
C ALA B 203 9.38 24.64 -36.63
N GLN B 204 9.25 23.98 -37.78
CA GLN B 204 8.09 24.20 -38.64
C GLN B 204 6.80 23.86 -37.90
N PHE B 205 6.82 22.82 -37.06
CA PHE B 205 5.63 22.41 -36.33
C PHE B 205 5.63 22.89 -34.88
N ASN B 206 6.54 23.80 -34.53
CA ASN B 206 6.50 24.48 -33.23
C ASN B 206 6.54 23.48 -32.07
N LEU B 207 7.42 22.50 -32.17
CA LEU B 207 7.60 21.53 -31.10
C LEU B 207 8.47 22.15 -30.01
N GLU B 208 7.94 22.24 -28.80
CA GLU B 208 8.64 22.90 -27.70
C GLU B 208 9.97 22.22 -27.41
N PRO B 209 11.11 22.92 -27.53
CA PRO B 209 12.40 22.27 -27.27
C PRO B 209 12.69 22.02 -25.80
N ASN B 210 12.17 22.84 -24.89
CA ASN B 210 12.49 22.69 -23.47
C ASN B 210 11.43 21.87 -22.73
N ALA B 211 11.17 20.67 -23.26
CA ALA B 211 10.18 19.79 -22.66
C ALA B 211 10.42 18.37 -23.15
N LEU B 212 9.95 17.41 -22.37
CA LEU B 212 9.92 16.01 -22.78
C LEU B 212 8.54 15.71 -23.36
N HIS B 213 8.53 15.11 -24.55
CA HIS B 213 7.30 14.87 -25.30
C HIS B 213 6.95 13.39 -25.26
N ILE B 214 5.66 13.10 -25.04
CA ILE B 214 5.17 11.73 -24.95
C ILE B 214 3.91 11.60 -25.79
N TRP B 215 3.86 10.55 -26.61
CA TRP B 215 2.69 10.19 -27.40
C TRP B 215 2.13 8.87 -26.86
N PRO B 216 1.28 8.89 -25.84
CA PRO B 216 0.75 7.63 -25.32
C PRO B 216 -0.23 6.99 -26.30
N HIS B 217 -0.33 5.67 -26.24
CA HIS B 217 -1.24 4.94 -27.11
C HIS B 217 -1.46 3.52 -26.59
N GLY B 218 -1.61 3.38 -25.27
CA GLY B 218 -1.90 2.09 -24.67
C GLY B 218 -0.75 1.11 -24.70
N ASP B 219 -0.86 0.09 -25.56
CA ASP B 219 0.15 -0.95 -25.64
C ASP B 219 1.43 -0.49 -26.33
N TYR B 220 1.42 0.68 -26.98
CA TYR B 220 2.61 1.23 -27.60
C TYR B 220 2.61 2.74 -27.38
N MET B 221 3.75 3.37 -27.65
CA MET B 221 3.89 4.79 -27.38
C MET B 221 5.16 5.29 -28.03
N CYS B 222 5.27 6.62 -28.13
CA CYS B 222 6.47 7.29 -28.60
C CYS B 222 6.88 8.34 -27.57
N ILE B 223 8.19 8.59 -27.52
CA ILE B 223 8.73 9.69 -26.74
C ILE B 223 9.72 10.44 -27.63
N ALA B 224 9.97 11.71 -27.28
CA ALA B 224 10.93 12.53 -28.00
C ALA B 224 11.67 13.41 -27.00
N LEU B 225 12.99 13.36 -27.07
CA LEU B 225 13.84 14.22 -26.24
C LEU B 225 14.60 15.20 -27.12
N PRO B 226 14.78 16.44 -26.66
CA PRO B 226 15.39 17.47 -27.50
C PRO B 226 16.91 17.43 -27.49
N ASN B 227 17.48 17.93 -28.59
CA ASN B 227 18.91 18.15 -28.74
C ASN B 227 19.23 19.64 -28.77
N LEU B 228 20.52 19.95 -28.63
CA LEU B 228 20.95 21.35 -28.58
C LEU B 228 20.59 22.09 -29.87
N ASP B 229 20.65 21.40 -31.01
CA ASP B 229 20.41 22.03 -32.30
C ASP B 229 18.94 21.98 -32.71
N ARG B 230 18.04 21.68 -31.78
CA ARG B 230 16.60 21.66 -31.96
C ARG B 230 16.12 20.40 -32.68
N SER B 231 17.01 19.49 -33.07
CA SER B 231 16.54 18.19 -33.50
C SER B 231 16.00 17.43 -32.28
N PHE B 232 15.24 16.37 -32.55
CA PHE B 232 14.72 15.51 -31.50
C PHE B 232 15.04 14.07 -31.86
N THR B 233 15.32 13.26 -30.84
CA THR B 233 15.45 11.82 -30.99
C THR B 233 14.15 11.20 -30.51
N VAL B 234 13.46 10.49 -31.41
CA VAL B 234 12.19 9.85 -31.10
C VAL B 234 12.44 8.36 -30.89
N THR B 235 11.74 7.79 -29.91
CA THR B 235 11.81 6.36 -29.64
C THR B 235 10.40 5.79 -29.65
N LEU B 236 10.16 4.81 -30.52
CA LEU B 236 8.91 4.08 -30.56
C LEU B 236 9.05 2.82 -29.72
N PHE B 237 8.10 2.59 -28.83
CA PHE B 237 8.04 1.36 -28.02
C PHE B 237 6.83 0.56 -28.48
N LEU B 238 7.06 -0.66 -28.96
CA LEU B 238 6.02 -1.44 -29.61
C LEU B 238 6.33 -2.92 -29.47
N HIS B 239 5.27 -3.72 -29.36
CA HIS B 239 5.42 -5.17 -29.23
C HIS B 239 6.26 -5.73 -30.37
N HIS B 240 7.12 -6.70 -30.05
CA HIS B 240 7.81 -7.45 -31.09
C HIS B 240 6.83 -8.23 -31.94
N GLN B 241 5.92 -8.95 -31.31
CA GLN B 241 4.93 -9.78 -32.00
C GLN B 241 3.55 -9.47 -31.44
N SER B 242 2.53 -9.87 -32.19
CA SER B 242 1.15 -9.75 -31.74
C SER B 242 0.77 -10.96 -30.89
N PRO B 243 -0.28 -10.83 -30.06
CA PRO B 243 -0.71 -11.98 -29.25
C PRO B 243 -1.20 -13.15 -30.11
N ALA B 248 -3.29 -9.69 -33.99
CA ALA B 248 -4.01 -8.71 -34.79
C ALA B 248 -3.51 -7.29 -34.49
N SER B 249 -3.13 -7.05 -33.24
CA SER B 249 -2.73 -5.73 -32.83
C SER B 249 -1.39 -5.35 -33.46
N PRO B 250 -1.05 -4.05 -33.46
CA PRO B 250 0.21 -3.62 -34.07
C PRO B 250 1.42 -4.22 -33.36
N SER B 251 2.48 -4.46 -34.14
CA SER B 251 3.74 -4.97 -33.62
C SER B 251 4.77 -4.83 -34.72
N PHE B 252 6.05 -4.90 -34.33
CA PHE B 252 7.13 -4.78 -35.30
C PHE B 252 7.06 -5.85 -36.38
N ALA B 253 6.43 -7.00 -36.09
CA ALA B 253 6.29 -8.03 -37.09
C ALA B 253 5.44 -7.60 -38.27
N GLN B 254 4.58 -6.59 -38.10
CA GLN B 254 3.72 -6.11 -39.16
C GLN B 254 4.29 -4.88 -39.87
N LEU B 255 5.45 -4.40 -39.46
CA LEU B 255 6.17 -3.33 -40.16
C LEU B 255 7.36 -3.98 -40.86
N VAL B 256 7.11 -4.53 -42.04
CA VAL B 256 8.15 -5.26 -42.76
C VAL B 256 9.14 -4.30 -43.43
N ASP B 257 8.69 -3.12 -43.84
CA ASP B 257 9.54 -2.15 -44.49
C ASP B 257 9.14 -0.74 -44.07
N GLY B 258 9.92 0.24 -44.51
CA GLY B 258 9.62 1.62 -44.18
C GLY B 258 8.24 2.04 -44.62
N HIS B 259 7.85 1.68 -45.84
CA HIS B 259 6.52 2.02 -46.32
C HIS B 259 5.44 1.51 -45.38
N ALA B 260 5.62 0.29 -44.85
CA ALA B 260 4.67 -0.21 -43.87
C ALA B 260 4.72 0.60 -42.58
N ALA B 261 5.92 0.87 -42.08
CA ALA B 261 6.06 1.71 -40.90
C ALA B 261 5.43 3.08 -41.12
N ARG B 262 5.57 3.63 -42.33
CA ARG B 262 4.96 4.91 -42.64
C ARG B 262 3.44 4.87 -42.45
N ARG B 263 2.79 3.85 -43.03
CA ARG B 263 1.35 3.70 -42.87
C ARG B 263 0.96 3.64 -41.40
N PHE B 264 1.78 2.95 -40.59
CA PHE B 264 1.47 2.80 -39.18
C PHE B 264 1.44 4.14 -38.46
N PHE B 265 2.49 4.95 -38.64
CA PHE B 265 2.54 6.24 -37.96
C PHE B 265 1.47 7.19 -38.48
N GLN B 266 1.28 7.23 -39.80
CA GLN B 266 0.25 8.10 -40.37
C GLN B 266 -1.12 7.78 -39.78
N ARG B 267 -1.35 6.53 -39.38
CA ARG B 267 -2.64 6.08 -38.87
C ARG B 267 -2.75 6.25 -37.36
N GLN B 268 -1.71 5.86 -36.61
CA GLN B 268 -1.80 5.86 -35.15
C GLN B 268 -1.23 7.12 -34.52
N PHE B 269 -0.25 7.76 -35.14
CA PHE B 269 0.37 8.98 -34.63
C PHE B 269 0.26 10.05 -35.72
N PRO B 270 -0.92 10.65 -35.90
CA PRO B 270 -1.09 11.60 -37.01
C PRO B 270 -0.31 12.88 -36.83
N ASP B 271 -0.33 13.47 -35.64
CA ASP B 271 0.37 14.73 -35.40
C ASP B 271 1.88 14.57 -35.26
N LEU B 272 2.40 13.36 -35.46
CA LEU B 272 3.83 13.09 -35.35
C LEU B 272 4.46 12.65 -36.66
N SER B 273 3.74 11.91 -37.50
CA SER B 273 4.31 11.45 -38.76
C SER B 273 4.83 12.59 -39.63
N PRO B 274 4.17 13.75 -39.72
CA PRO B 274 4.71 14.83 -40.57
C PRO B 274 6.12 15.26 -40.18
N MET B 275 6.45 15.20 -38.88
CA MET B 275 7.77 15.62 -38.43
C MET B 275 8.85 14.57 -38.68
N LEU B 276 8.48 13.33 -39.04
CA LEU B 276 9.43 12.25 -39.25
C LEU B 276 9.73 12.14 -40.75
N ASP B 277 10.64 13.01 -41.22
CA ASP B 277 10.96 13.04 -42.64
C ASP B 277 11.66 11.75 -43.08
N SER B 278 12.61 11.27 -42.29
CA SER B 278 13.40 10.09 -42.63
C SER B 278 12.86 8.82 -41.99
N LEU B 279 11.54 8.74 -41.80
CA LEU B 279 10.97 7.60 -41.09
C LEU B 279 11.31 6.28 -41.79
N GLU B 280 11.12 6.23 -43.10
CA GLU B 280 11.32 4.97 -43.82
C GLU B 280 12.76 4.48 -43.70
N GLN B 281 13.72 5.33 -44.04
CA GLN B 281 15.13 4.90 -44.05
C GLN B 281 15.60 4.56 -42.63
N ASP B 282 15.27 5.41 -41.66
CA ASP B 282 15.68 5.12 -40.28
C ASP B 282 15.09 3.79 -39.81
N PHE B 283 13.86 3.48 -40.22
CA PHE B 283 13.23 2.24 -39.80
C PHE B 283 13.99 1.03 -40.33
N GLU B 284 14.44 1.09 -41.58
CA GLU B 284 15.11 -0.07 -42.18
C GLU B 284 16.54 -0.22 -41.67
N HIS B 285 17.25 0.88 -41.48
CA HIS B 285 18.68 0.85 -41.19
C HIS B 285 18.99 0.99 -39.70
N HIS B 286 17.97 1.20 -38.86
CA HIS B 286 18.16 1.19 -37.41
C HIS B 286 17.57 -0.10 -36.85
N PRO B 287 18.36 -1.01 -36.30
CA PRO B 287 17.80 -2.28 -35.83
C PRO B 287 16.92 -2.09 -34.61
N THR B 288 15.91 -2.95 -34.51
CA THR B 288 14.99 -2.91 -33.37
C THR B 288 15.68 -3.48 -32.14
N GLY B 289 15.58 -2.75 -31.02
CA GLY B 289 16.23 -3.15 -29.80
C GLY B 289 15.31 -3.94 -28.88
N LYS B 290 15.93 -4.59 -27.90
CA LYS B 290 15.23 -5.44 -26.96
C LYS B 290 15.35 -4.89 -25.54
N LEU B 291 14.33 -5.15 -24.74
CA LEU B 291 14.26 -4.71 -23.36
C LEU B 291 14.04 -5.91 -22.46
N ALA B 292 14.43 -5.77 -21.19
CA ALA B 292 14.28 -6.86 -20.24
C ALA B 292 14.57 -6.36 -18.83
N THR B 293 14.04 -7.09 -17.86
CA THR B 293 14.38 -6.90 -16.45
C THR B 293 15.09 -8.16 -15.97
N LEU B 294 16.32 -8.01 -15.50
CA LEU B 294 17.12 -9.13 -15.00
C LEU B 294 17.52 -8.85 -13.56
N ARG B 295 17.18 -9.78 -12.68
CA ARG B 295 17.41 -9.63 -11.24
C ARG B 295 18.40 -10.69 -10.78
N LEU B 296 19.34 -10.28 -9.94
CA LEU B 296 20.36 -11.17 -9.39
C LEU B 296 20.25 -11.19 -7.88
N THR B 297 20.47 -12.36 -7.28
CA THR B 297 20.49 -12.46 -5.82
C THR B 297 21.84 -12.05 -5.24
N THR B 298 22.91 -12.17 -6.02
CA THR B 298 24.23 -11.75 -5.56
C THR B 298 24.95 -11.04 -6.71
N TRP B 299 25.73 -10.03 -6.35
CA TRP B 299 26.42 -9.18 -7.31
C TRP B 299 27.93 -9.31 -7.26
N HIS B 300 28.47 -10.16 -6.40
CA HIS B 300 29.92 -10.17 -6.18
C HIS B 300 30.39 -11.59 -5.90
N VAL B 301 31.69 -11.79 -6.12
CA VAL B 301 32.36 -13.04 -5.80
C VAL B 301 33.44 -12.70 -4.77
N GLY B 302 33.18 -13.01 -3.51
CA GLY B 302 34.13 -12.68 -2.45
C GLY B 302 34.55 -11.24 -2.53
N GLY B 303 35.86 -11.01 -2.50
CA GLY B 303 36.45 -9.71 -2.76
C GLY B 303 37.08 -9.58 -4.13
N GLN B 304 36.78 -10.51 -5.04
CA GLN B 304 37.45 -10.57 -6.34
C GLN B 304 36.71 -9.81 -7.43
N ALA B 305 35.38 -9.86 -7.45
CA ALA B 305 34.61 -9.28 -8.54
C ALA B 305 33.28 -8.77 -8.04
N VAL B 306 32.81 -7.70 -8.67
CA VAL B 306 31.52 -7.10 -8.35
C VAL B 306 30.93 -6.52 -9.62
N LEU B 307 29.59 -6.45 -9.67
CA LEU B 307 28.85 -5.89 -10.78
C LEU B 307 28.18 -4.59 -10.35
N LEU B 308 27.95 -3.70 -11.31
CA LEU B 308 27.14 -2.51 -11.06
C LEU B 308 26.57 -2.02 -12.39
N GLY B 309 25.61 -1.12 -12.28
CA GLY B 309 24.94 -0.61 -13.47
C GLY B 309 24.10 -1.68 -14.14
N ASP B 310 24.00 -1.59 -15.47
CA ASP B 310 23.23 -2.56 -16.23
C ASP B 310 23.79 -3.96 -16.09
N ALA B 311 25.08 -4.10 -15.80
CA ALA B 311 25.66 -5.42 -15.60
C ALA B 311 25.01 -6.13 -14.41
N ALA B 312 24.56 -5.37 -13.41
CA ALA B 312 23.96 -5.95 -12.21
C ALA B 312 22.45 -6.01 -12.26
N HIS B 313 21.77 -5.05 -12.89
CA HIS B 313 20.31 -4.92 -12.78
C HIS B 313 19.75 -4.27 -14.03
N PRO B 314 19.80 -4.97 -15.17
CA PRO B 314 19.09 -4.47 -16.36
C PRO B 314 17.62 -4.21 -16.05
N MET B 315 17.11 -3.09 -16.55
CA MET B 315 15.75 -2.68 -16.26
C MET B 315 15.10 -2.11 -17.52
N VAL B 316 13.77 -2.10 -17.52
CA VAL B 316 13.00 -1.51 -18.62
C VAL B 316 13.17 0.01 -18.52
N PRO B 317 13.20 0.73 -19.65
CA PRO B 317 13.60 2.14 -19.60
C PRO B 317 12.44 3.11 -19.37
N PHE B 318 11.31 2.60 -18.91
CA PHE B 318 10.09 3.40 -18.84
C PHE B 318 10.08 4.41 -17.70
N HIS B 319 11.16 4.51 -16.91
CA HIS B 319 11.29 5.57 -15.93
C HIS B 319 12.49 6.47 -16.20
N GLY B 320 13.29 6.17 -17.23
CA GLY B 320 14.48 6.93 -17.51
C GLY B 320 15.41 7.06 -16.32
N GLN B 321 15.73 5.94 -15.69
CA GLN B 321 16.55 5.92 -14.48
C GLN B 321 17.74 4.97 -14.56
N GLY B 322 17.92 4.25 -15.66
CA GLY B 322 19.01 3.29 -15.73
C GLY B 322 20.37 3.93 -15.56
N MET B 323 20.65 4.96 -16.36
N MET B 323 20.67 4.94 -16.38
CA MET B 323 21.90 5.70 -16.20
CA MET B 323 21.89 5.71 -16.21
C MET B 323 21.96 6.38 -14.84
C MET B 323 21.94 6.34 -14.82
N ASN B 324 20.85 6.99 -14.41
CA ASN B 324 20.82 7.64 -13.11
C ASN B 324 21.16 6.65 -12.00
N CYS B 325 20.54 5.47 -12.04
CA CYS B 325 20.85 4.44 -11.05
C CYS B 325 22.29 3.96 -11.18
N ALA B 326 22.79 3.86 -12.41
CA ALA B 326 24.16 3.39 -12.63
C ALA B 326 25.18 4.36 -12.03
N LEU B 327 24.98 5.66 -12.25
CA LEU B 327 25.88 6.64 -11.66
C LEU B 327 25.76 6.64 -10.14
N GLU B 328 24.54 6.44 -9.63
CA GLU B 328 24.35 6.27 -8.20
C GLU B 328 25.12 5.06 -7.69
N ASP B 329 25.08 3.95 -8.44
CA ASP B 329 25.87 2.77 -8.08
C ASP B 329 27.36 3.11 -7.99
N ALA B 330 27.88 3.83 -8.99
CA ALA B 330 29.31 4.11 -9.04
C ALA B 330 29.77 4.87 -7.80
N VAL B 331 28.98 5.85 -7.35
CA VAL B 331 29.34 6.59 -6.14
C VAL B 331 29.37 5.66 -4.93
N ALA B 332 28.36 4.80 -4.81
CA ALA B 332 28.29 3.92 -3.64
C ALA B 332 29.46 2.93 -3.63
N LEU B 333 29.77 2.34 -4.78
CA LEU B 333 30.85 1.36 -4.83
C LEU B 333 32.18 2.01 -4.48
N ALA B 334 32.45 3.21 -5.00
CA ALA B 334 33.68 3.90 -4.67
C ALA B 334 33.77 4.22 -3.19
N GLU B 335 32.64 4.62 -2.59
CA GLU B 335 32.65 4.96 -1.17
C GLU B 335 32.95 3.73 -0.32
N HIS B 336 32.29 2.60 -0.61
CA HIS B 336 32.52 1.39 0.16
C HIS B 336 33.95 0.89 0.00
N LEU B 337 34.43 0.81 -1.24
CA LEU B 337 35.80 0.36 -1.48
C LEU B 337 36.82 1.24 -0.78
N GLN B 338 36.53 2.53 -0.65
CA GLN B 338 37.51 3.47 -0.11
C GLN B 338 37.70 3.28 1.39
N SER B 339 36.64 2.93 2.12
N SER B 339 36.63 2.93 2.13
CA SER B 339 36.66 2.99 3.58
CA SER B 339 36.65 2.99 3.58
C SER B 339 36.41 1.64 4.25
C SER B 339 36.25 1.67 4.23
N ALA B 340 36.32 0.56 3.50
CA ALA B 340 36.04 -0.75 4.08
C ALA B 340 37.30 -1.34 4.70
N ALA B 341 37.10 -2.35 5.55
CA ALA B 341 38.23 -3.05 6.15
C ALA B 341 39.03 -3.80 5.09
N ASP B 342 38.34 -4.35 4.10
CA ASP B 342 38.98 -5.04 2.98
C ASP B 342 37.99 -5.08 1.82
N ASN B 343 38.48 -5.47 0.65
CA ASN B 343 37.63 -5.47 -0.54
C ASN B 343 36.43 -6.38 -0.37
N ALA B 344 36.63 -7.58 0.18
CA ALA B 344 35.52 -8.51 0.35
C ALA B 344 34.40 -7.87 1.18
N SER B 345 34.77 -7.20 2.28
N SER B 345 34.76 -7.19 2.27
CA SER B 345 33.75 -6.52 3.08
CA SER B 345 33.75 -6.53 3.08
C SER B 345 33.11 -5.38 2.31
C SER B 345 33.12 -5.36 2.35
N ALA B 346 33.88 -4.68 1.48
CA ALA B 346 33.32 -3.59 0.68
C ALA B 346 32.26 -4.09 -0.27
N LEU B 347 32.56 -5.17 -1.01
CA LEU B 347 31.63 -5.65 -2.03
C LEU B 347 30.35 -6.19 -1.39
N ALA B 348 30.48 -6.87 -0.25
CA ALA B 348 29.29 -7.36 0.45
C ALA B 348 28.42 -6.21 0.94
N ALA B 349 29.04 -5.17 1.50
CA ALA B 349 28.28 -4.02 1.98
C ALA B 349 27.65 -3.24 0.83
N PHE B 350 28.40 -3.04 -0.26
CA PHE B 350 27.85 -2.39 -1.44
C PHE B 350 26.62 -3.12 -1.95
N THR B 351 26.72 -4.45 -2.07
CA THR B 351 25.58 -5.25 -2.52
C THR B 351 24.40 -5.14 -1.56
N ALA B 352 24.68 -5.15 -0.25
CA ALA B 352 23.60 -5.05 0.74
C ALA B 352 22.88 -3.72 0.63
N GLN B 353 23.62 -2.64 0.35
CA GLN B 353 23.00 -1.32 0.25
C GLN B 353 22.16 -1.19 -1.02
N ARG B 354 22.72 -1.59 -2.16
CA ARG B 354 22.14 -1.22 -3.45
C ARG B 354 21.14 -2.23 -3.98
N GLN B 355 21.24 -3.51 -3.60
CA GLN B 355 20.30 -4.50 -4.11
C GLN B 355 18.85 -4.13 -3.85
N PRO B 356 18.45 -3.75 -2.63
CA PRO B 356 17.05 -3.36 -2.42
C PRO B 356 16.64 -2.17 -3.26
N ASP B 357 17.54 -1.21 -3.48
CA ASP B 357 17.20 -0.04 -4.28
C ASP B 357 17.09 -0.39 -5.76
N ALA B 358 17.98 -1.25 -6.25
CA ALA B 358 17.91 -1.68 -7.65
C ALA B 358 16.60 -2.40 -7.93
N LEU B 359 16.20 -3.30 -7.03
CA LEU B 359 14.92 -3.99 -7.22
C LEU B 359 13.76 -3.01 -7.22
N ALA B 360 13.84 -1.98 -6.38
CA ALA B 360 12.74 -1.01 -6.29
C ALA B 360 12.57 -0.26 -7.61
N ILE B 361 13.66 0.31 -8.15
CA ILE B 361 13.54 1.05 -9.38
C ILE B 361 13.18 0.12 -10.54
N GLN B 362 13.62 -1.14 -10.49
CA GLN B 362 13.20 -2.10 -11.50
C GLN B 362 11.69 -2.29 -11.48
N ALA B 363 11.10 -2.42 -10.28
CA ALA B 363 9.66 -2.59 -10.19
C ALA B 363 8.93 -1.30 -10.54
N MET B 364 9.47 -0.15 -10.13
CA MET B 364 8.80 1.11 -10.43
C MET B 364 8.86 1.44 -11.91
N ALA B 365 9.93 1.06 -12.60
CA ALA B 365 10.00 1.29 -14.04
C ALA B 365 8.93 0.49 -14.77
N LEU B 366 8.78 -0.79 -14.41
CA LEU B 366 7.69 -1.59 -14.98
C LEU B 366 6.33 -0.99 -14.67
N GLU B 367 6.12 -0.55 -13.42
CA GLU B 367 4.84 0.04 -13.04
C GLU B 367 4.60 1.35 -13.78
N ASN B 368 5.65 2.13 -14.02
CA ASN B 368 5.47 3.43 -14.65
C ASN B 368 4.92 3.30 -16.06
N TYR B 369 5.19 2.18 -16.73
CA TYR B 369 4.68 1.99 -18.09
C TYR B 369 3.16 2.00 -18.12
N VAL B 370 2.52 1.33 -17.17
CA VAL B 370 1.06 1.23 -17.18
C VAL B 370 0.43 2.61 -17.01
N GLU B 371 1.11 3.50 -16.29
CA GLU B 371 0.63 4.86 -16.07
C GLU B 371 0.92 5.78 -17.25
N MET B 372 1.21 5.21 -18.43
CA MET B 372 1.31 5.95 -19.67
C MET B 372 0.47 5.29 -20.76
N SER B 373 -0.66 4.69 -20.37
CA SER B 373 -1.55 4.05 -21.32
C SER B 373 -2.12 5.06 -22.31
N PRO B 379 -10.01 8.08 -15.51
CA PRO B 379 -11.18 8.60 -14.83
C PRO B 379 -10.94 8.78 -13.33
N THR B 380 -10.93 7.68 -12.59
CA THR B 380 -10.58 7.73 -11.17
C THR B 380 -9.13 8.15 -10.99
N TYR B 381 -8.25 7.74 -11.90
CA TYR B 381 -6.84 8.12 -11.83
C TYR B 381 -6.69 9.64 -11.76
N LEU B 382 -7.56 10.37 -12.45
CA LEU B 382 -7.51 11.82 -12.41
C LEU B 382 -7.84 12.34 -11.01
N LEU B 383 -8.90 11.80 -10.39
CA LEU B 383 -9.32 12.30 -9.10
C LEU B 383 -8.34 11.89 -8.00
N GLU B 384 -7.81 10.67 -8.08
CA GLU B 384 -6.72 10.29 -7.19
C GLU B 384 -5.55 11.24 -7.33
N ARG B 385 -5.22 11.62 -8.57
CA ARG B 385 -4.14 12.57 -8.79
C ARG B 385 -4.52 13.96 -8.29
N GLU B 386 -5.78 14.36 -8.51
CA GLU B 386 -6.26 15.64 -7.98
C GLU B 386 -6.07 15.68 -6.46
N LEU B 387 -6.60 14.68 -5.76
CA LEU B 387 -6.45 14.63 -4.30
C LEU B 387 -4.99 14.56 -3.90
N GLY B 388 -4.20 13.75 -4.61
CA GLY B 388 -2.78 13.65 -4.30
C GLY B 388 -2.08 14.99 -4.39
N GLN B 389 -2.39 15.77 -5.43
CA GLN B 389 -1.81 17.10 -5.55
C GLN B 389 -2.22 18.00 -4.39
N ILE B 390 -3.46 17.83 -3.88
CA ILE B 390 -3.91 18.63 -2.75
C ILE B 390 -3.10 18.28 -1.51
N MET B 391 -2.88 17.00 -1.25
CA MET B 391 -2.12 16.58 -0.07
C MET B 391 -0.66 16.98 -0.19
N ALA B 392 -0.10 16.97 -1.41
CA ALA B 392 1.30 17.37 -1.58
C ALA B 392 1.51 18.84 -1.22
N GLN B 393 0.49 19.68 -1.43
CA GLN B 393 0.60 21.09 -1.05
C GLN B 393 0.34 21.28 0.44
N ARG B 394 -0.62 20.53 1.00
CA ARG B 394 -0.90 20.63 2.42
C ARG B 394 0.22 20.04 3.27
N GLN B 395 1.00 19.10 2.71
CA GLN B 395 2.04 18.40 3.46
C GLN B 395 3.22 18.11 2.53
N PRO B 396 4.00 19.15 2.19
CA PRO B 396 5.23 18.91 1.41
C PRO B 396 6.32 18.17 2.19
N THR B 397 6.07 17.86 3.46
CA THR B 397 7.05 17.16 4.28
C THR B 397 6.77 15.67 4.41
N ARG B 398 5.54 15.23 4.12
CA ARG B 398 5.16 13.84 4.25
C ARG B 398 4.64 13.24 2.95
N PHE B 399 3.91 14.01 2.15
CA PHE B 399 3.32 13.51 0.90
C PHE B 399 4.09 14.12 -0.27
N ILE B 400 4.92 13.30 -0.93
CA ILE B 400 5.64 13.68 -2.12
C ILE B 400 5.30 12.66 -3.19
N PRO B 401 4.75 13.06 -4.35
CA PRO B 401 4.41 12.07 -5.38
C PRO B 401 5.62 11.20 -5.72
N ARG B 402 5.35 9.91 -5.99
CA ARG B 402 6.42 8.96 -6.20
C ARG B 402 7.33 9.40 -7.35
N TYR B 403 6.74 9.83 -8.46
CA TYR B 403 7.54 10.29 -9.59
C TYR B 403 8.54 11.36 -9.18
N SER B 404 8.13 12.23 -8.24
CA SER B 404 9.03 13.29 -7.79
C SER B 404 10.08 12.75 -6.82
N MET B 405 9.70 11.79 -5.96
CA MET B 405 10.70 11.15 -5.10
C MET B 405 11.77 10.46 -5.94
N VAL B 406 11.37 9.81 -7.02
CA VAL B 406 12.34 9.09 -7.86
C VAL B 406 13.18 10.08 -8.66
N THR B 407 12.54 11.07 -9.28
CA THR B 407 13.21 11.90 -10.28
C THR B 407 13.94 13.08 -9.67
N PHE B 408 13.41 13.69 -8.61
CA PHE B 408 13.92 14.96 -8.11
C PHE B 408 14.46 14.89 -6.69
N SER B 409 14.60 13.70 -6.12
CA SER B 409 15.19 13.53 -4.80
C SER B 409 16.19 12.39 -4.84
N ARG B 410 16.95 12.27 -3.75
CA ARG B 410 17.94 11.22 -3.60
CA ARG B 410 17.94 11.21 -3.60
C ARG B 410 17.55 10.19 -2.54
N LEU B 411 16.28 10.19 -2.13
CA LEU B 411 15.79 9.17 -1.23
C LEU B 411 16.06 7.80 -1.83
N PRO B 412 16.56 6.84 -1.07
CA PRO B 412 16.81 5.50 -1.63
C PRO B 412 15.57 4.98 -2.36
N TYR B 413 15.80 4.35 -3.51
CA TYR B 413 14.69 3.86 -4.33
C TYR B 413 13.70 3.04 -3.52
N ALA B 414 14.21 2.18 -2.62
CA ALA B 414 13.32 1.32 -1.85
C ALA B 414 12.42 2.12 -0.92
N GLN B 415 12.96 3.19 -0.31
CA GLN B 415 12.12 4.06 0.51
C GLN B 415 11.12 4.82 -0.36
N ALA B 416 11.54 5.28 -1.54
CA ALA B 416 10.63 5.96 -2.45
C ALA B 416 9.45 5.06 -2.82
N MET B 417 9.73 3.79 -3.11
CA MET B 417 8.67 2.87 -3.48
C MET B 417 7.79 2.55 -2.28
N ALA B 418 8.38 2.38 -1.10
CA ALA B 418 7.61 2.05 0.09
C ALA B 418 6.63 3.17 0.44
N ARG B 419 7.15 4.41 0.51
CA ARG B 419 6.28 5.55 0.79
C ARG B 419 5.24 5.70 -0.32
N GLY B 420 5.63 5.47 -1.57
CA GLY B 420 4.68 5.57 -2.66
C GLY B 420 3.54 4.59 -2.54
N GLN B 421 3.84 3.37 -2.08
CA GLN B 421 2.79 2.36 -1.90
C GLN B 421 1.81 2.79 -0.82
N ILE B 422 2.31 3.47 0.22
CA ILE B 422 1.43 3.99 1.27
C ILE B 422 0.56 5.11 0.70
N GLN B 423 1.18 6.05 -0.04
CA GLN B 423 0.42 7.14 -0.63
C GLN B 423 -0.62 6.63 -1.62
N GLU B 424 -0.26 5.60 -2.41
CA GLU B 424 -1.20 5.05 -3.37
C GLU B 424 -2.43 4.49 -2.67
N GLN B 425 -2.24 3.79 -1.55
CA GLN B 425 -3.37 3.22 -0.84
C GLN B 425 -4.20 4.29 -0.16
N LEU B 426 -3.55 5.34 0.36
CA LEU B 426 -4.29 6.43 0.99
C LEU B 426 -5.28 7.05 0.01
N LEU B 427 -4.81 7.39 -1.20
CA LEU B 427 -5.69 8.00 -2.18
C LEU B 427 -6.69 7.00 -2.74
N LYS B 428 -6.27 5.73 -2.89
CA LYS B 428 -7.15 4.70 -3.40
C LYS B 428 -8.44 4.62 -2.59
N PHE B 429 -8.32 4.39 -1.28
CA PHE B 429 -9.50 4.22 -0.44
C PHE B 429 -10.21 5.56 -0.21
N ALA B 430 -9.48 6.67 -0.25
CA ALA B 430 -10.09 7.97 0.02
C ALA B 430 -11.11 8.34 -1.04
N VAL B 431 -10.80 8.08 -2.32
CA VAL B 431 -11.68 8.50 -3.42
C VAL B 431 -12.67 7.42 -3.81
N ALA B 432 -12.49 6.18 -3.37
CA ALA B 432 -13.39 5.10 -3.76
C ALA B 432 -14.83 5.46 -3.44
N ASN B 433 -15.72 5.24 -4.42
CA ASN B 433 -17.15 5.47 -4.25
C ASN B 433 -17.46 6.96 -4.00
N HIS B 434 -16.77 7.83 -4.73
CA HIS B 434 -17.02 9.26 -4.61
C HIS B 434 -17.06 9.93 -5.99
N SER B 435 -15.98 9.83 -6.75
CA SER B 435 -15.91 10.44 -8.08
C SER B 435 -16.24 11.93 -8.02
N ASP B 436 -15.85 12.59 -6.93
CA ASP B 436 -16.08 14.02 -6.78
C ASP B 436 -15.30 14.57 -5.59
N LEU B 437 -14.43 15.55 -5.82
CA LEU B 437 -13.70 16.17 -4.71
C LEU B 437 -14.66 16.71 -3.65
N THR B 438 -15.83 17.19 -4.06
CA THR B 438 -16.78 17.75 -3.11
C THR B 438 -17.17 16.73 -2.05
N SER B 439 -17.32 15.47 -2.44
CA SER B 439 -17.79 14.42 -1.54
C SER B 439 -16.68 13.79 -0.73
N ILE B 440 -15.50 14.42 -0.67
CA ILE B 440 -14.37 13.91 0.10
C ILE B 440 -13.96 14.98 1.10
N ASN B 441 -13.80 14.59 2.37
CA ASN B 441 -13.37 15.51 3.42
C ASN B 441 -11.85 15.60 3.37
N LEU B 442 -11.34 16.73 2.86
CA LEU B 442 -9.90 16.87 2.66
C LEU B 442 -9.17 16.81 4.00
N ASP B 443 -9.66 17.53 5.01
CA ASP B 443 -9.01 17.50 6.32
C ASP B 443 -8.97 16.10 6.91
N ALA B 444 -9.85 15.21 6.47
CA ALA B 444 -9.79 13.82 6.94
C ALA B 444 -8.63 13.08 6.31
N VAL B 445 -8.43 13.26 4.99
CA VAL B 445 -7.33 12.58 4.32
C VAL B 445 -5.99 13.11 4.81
N GLU B 446 -5.91 14.41 5.10
CA GLU B 446 -4.67 14.99 5.57
C GLU B 446 -4.24 14.41 6.91
N HIS B 447 -5.19 13.91 7.70
CA HIS B 447 -4.84 13.36 9.01
C HIS B 447 -4.27 11.94 8.88
N GLU B 448 -4.79 11.15 7.92
CA GLU B 448 -4.21 9.84 7.67
C GLU B 448 -2.81 9.96 7.05
N VAL B 449 -2.55 11.07 6.36
CA VAL B 449 -1.19 11.34 5.89
C VAL B 449 -0.24 11.43 7.09
N THR B 450 -0.59 12.25 8.07
CA THR B 450 0.23 12.39 9.27
C THR B 450 0.27 11.11 10.11
N ARG B 451 -0.73 10.23 9.95
CA ARG B 451 -0.76 8.99 10.71
C ARG B 451 0.11 7.91 10.09
N CYS B 452 0.26 7.91 8.77
CA CYS B 452 0.96 6.84 8.07
C CYS B 452 2.28 7.26 7.45
N LEU B 453 2.51 8.55 7.23
CA LEU B 453 3.70 9.03 6.53
C LEU B 453 4.57 9.85 7.47
N PRO B 454 5.69 9.32 7.96
CA PRO B 454 6.59 10.15 8.75
C PRO B 454 7.17 11.25 7.90
N PRO B 455 7.57 12.37 8.52
CA PRO B 455 8.20 13.44 7.75
C PRO B 455 9.66 13.11 7.43
N LEU B 456 10.12 13.65 6.31
CA LEU B 456 11.48 13.40 5.86
C LEU B 456 12.43 14.52 6.30
#